data_7NUQ
#
_entry.id   7NUQ
#
loop_
_entity.id
_entity.type
_entity.pdbx_description
1 polymer 'Genome polyprotein'
2 polymer 'Genome polyprotein'
3 polymer 'Genome polyprotein'
4 polymer 'Genome polyprotein'
5 polymer Octanucleotide
#
loop_
_entity_poly.entity_id
_entity_poly.type
_entity_poly.pdbx_seq_one_letter_code
_entity_poly.pdbx_strand_id
1 'polypeptide(L)'
;ALTEGLGDELEEVIVEKTKQTVASISSGPKHTQKVPILTANETGATMPVLPSDSIETRTTYMHFNGSETDVECFLGRAAC
VHVTEIQNKDATGIDNHREAKLFNDWKINLSSLVQLRKKLELFTYVRFDSEYTILATASQPDSANYSSNLVVQAMYVPPG
APNPKEWDDYTWQSASNPSVFFKVGDTSRFSVPYVGLASAYNCFYDGYSHDDAETQYGITVLNHMGSMAFRIVNEHDEHK
TLVKIRVYHRAKHVEAWIPRAPRALPYTSIGRTNYPKNTEPVIKKRKGDIKSY
;
1
2 'polypeptide(L)'
;SPNVEACGYSDRVQQITLGNSTITTQEAANAVVCYAEWPEYLPDVDASDVNKTSKPDTSVCRFYTLDSKTWTTGSKGWCW
KLPDALKDMGVFGQNMFFHSLGRSGYTVHVQCNATKFHSGCLLVVVIPEHQLASHEGGNVSVKYTFTHPGERGIDLSSAN
EVGGPVKDVIYNMNGTLLGNLLIFPHQFINLRTNNTATIVIPYINSVPIDSMTRHNNVSLMVIPIAPLTVPTGATPSLPI
TVTIAPMCTEFSGIRSKSIVPQ
;
2
3 'polypeptide(L)'
;GLPTTTLPGSGQFLTTDDRQSPSALPNYEPTPRIHIPGKVHNLLEIIQVDTLIPMNNTHTKDEVNSYLIPLNANRQNEQV
FGTNLFIGDGVFKTTLLGEIVQYYTHWSGSLRFSLMYTGPALSSAKLILAYTPPGARGPQDRREAMLGTHVVWDIGLQST
IVMTIPWTSGVQFRYTDPDTYTSAGFLSCWYQTSLILPPETTGQVYLLSFISACPDFKLRLMKDTQTISQTVALTE
;
3
4 'polypeptide(L)' GAQVSTQKSGSHENQNILTNGSNQTFTVINYYKDAASTSSAGQSLSMDPSKFTEPVKDLMLKGAPALN 4
5 'polyribonucleotide' UGUUUUUA C
#
loop_
_chem_comp.id
_chem_comp.type
_chem_comp.name
_chem_comp.formula
A RNA linking ADENOSINE-5'-MONOPHOSPHATE 'C10 H14 N5 O7 P'
G RNA linking GUANOSINE-5'-MONOPHOSPHATE 'C10 H14 N5 O8 P'
U RNA linking URIDINE-5'-MONOPHOSPHATE 'C9 H13 N2 O9 P'
#
# COMPACT_ATOMS: atom_id res chain seq x y z
N THR A 21 -21.14 -21.58 -1.24
CA THR A 21 -21.27 -20.13 -1.16
C THR A 21 -21.96 -19.59 -2.41
N VAL A 22 -22.91 -18.70 -2.21
CA VAL A 22 -23.66 -18.12 -3.32
C VAL A 22 -22.85 -16.98 -3.92
N ALA A 23 -22.74 -16.95 -5.25
CA ALA A 23 -22.00 -15.92 -5.96
C ALA A 23 -22.92 -14.77 -6.38
N SER A 24 -23.96 -15.05 -7.14
CA SER A 24 -24.93 -14.06 -7.57
C SER A 24 -26.32 -14.58 -7.28
N ILE A 25 -27.15 -13.73 -6.67
CA ILE A 25 -28.50 -14.10 -6.32
C ILE A 25 -29.43 -13.80 -7.48
N SER A 26 -30.60 -14.44 -7.47
CA SER A 26 -31.60 -14.23 -8.51
C SER A 26 -32.33 -12.91 -8.26
N SER A 27 -32.41 -12.08 -9.30
CA SER A 27 -33.06 -10.78 -9.18
C SER A 27 -33.72 -10.43 -10.51
N GLY A 28 -34.98 -10.02 -10.44
CA GLY A 28 -35.72 -9.64 -11.61
C GLY A 28 -35.80 -8.13 -11.76
N PRO A 29 -36.78 -7.63 -12.51
CA PRO A 29 -36.94 -6.18 -12.66
C PRO A 29 -37.09 -5.51 -11.29
N LYS A 30 -36.45 -4.35 -11.15
CA LYS A 30 -36.46 -3.59 -9.91
C LYS A 30 -36.97 -2.18 -10.18
N HIS A 31 -38.12 -1.86 -9.58
CA HIS A 31 -38.72 -0.52 -9.66
C HIS A 31 -39.06 -0.10 -8.23
N THR A 32 -38.08 0.51 -7.55
CA THR A 32 -38.23 0.90 -6.16
C THR A 32 -37.49 2.21 -5.93
N GLN A 33 -37.70 2.79 -4.75
CA GLN A 33 -37.05 4.03 -4.36
C GLN A 33 -35.64 3.82 -3.83
N LYS A 34 -35.26 2.58 -3.52
CA LYS A 34 -33.91 2.28 -3.04
C LYS A 34 -32.99 2.12 -4.25
N VAL A 35 -32.04 3.04 -4.39
CA VAL A 35 -31.12 3.03 -5.53
C VAL A 35 -29.75 2.56 -5.06
N PRO A 36 -29.49 1.25 -5.07
CA PRO A 36 -28.17 0.77 -4.63
C PRO A 36 -27.03 1.19 -5.55
N ILE A 37 -27.33 1.68 -6.76
CA ILE A 37 -26.28 2.11 -7.68
C ILE A 37 -25.81 3.53 -7.42
N LEU A 38 -26.61 4.35 -6.74
CA LEU A 38 -26.24 5.72 -6.42
C LEU A 38 -25.72 5.78 -4.99
N THR A 39 -24.57 6.43 -4.83
CA THR A 39 -23.94 6.58 -3.52
C THR A 39 -23.13 7.87 -3.53
N ALA A 40 -22.29 8.04 -2.51
CA ALA A 40 -21.42 9.21 -2.38
C ALA A 40 -20.06 8.73 -1.89
N ASN A 41 -19.08 8.70 -2.80
CA ASN A 41 -17.73 8.30 -2.44
C ASN A 41 -17.03 9.31 -1.54
N GLU A 42 -17.63 10.49 -1.33
CA GLU A 42 -17.05 11.45 -0.40
C GLU A 42 -16.98 10.90 1.02
N THR A 43 -17.79 9.89 1.34
CA THR A 43 -17.75 9.27 2.65
C THR A 43 -16.56 8.33 2.82
N GLY A 44 -15.92 7.94 1.72
CA GLY A 44 -14.78 7.05 1.79
C GLY A 44 -15.13 5.58 1.86
N ALA A 45 -16.41 5.23 1.74
CA ALA A 45 -16.87 3.85 1.83
C ALA A 45 -17.15 3.29 0.45
N THR A 46 -16.83 2.01 0.26
CA THR A 46 -17.09 1.30 -0.99
C THR A 46 -18.29 0.39 -0.76
N MET A 47 -19.45 0.82 -1.23
CA MET A 47 -20.66 0.03 -1.07
C MET A 47 -20.51 -1.30 -1.80
N PRO A 48 -20.80 -2.43 -1.17
CA PRO A 48 -20.66 -3.73 -1.86
C PRO A 48 -21.79 -3.98 -2.85
N VAL A 49 -21.83 -3.15 -3.89
CA VAL A 49 -22.85 -3.28 -4.93
C VAL A 49 -22.56 -4.52 -5.75
N LEU A 50 -23.56 -5.36 -5.92
CA LEU A 50 -23.45 -6.63 -6.63
C LEU A 50 -24.11 -6.54 -8.00
N PRO A 51 -23.81 -7.48 -8.89
CA PRO A 51 -24.44 -7.46 -10.22
C PRO A 51 -25.96 -7.50 -10.16
N SER A 52 -26.53 -8.12 -9.13
CA SER A 52 -27.98 -8.17 -9.00
C SER A 52 -28.60 -6.81 -8.73
N ASP A 53 -27.79 -5.79 -8.43
CA ASP A 53 -28.30 -4.46 -8.16
C ASP A 53 -28.45 -3.61 -9.40
N SER A 54 -27.76 -3.96 -10.49
CA SER A 54 -27.81 -3.19 -11.73
C SER A 54 -28.52 -3.91 -12.87
N ILE A 55 -28.54 -5.24 -12.86
CA ILE A 55 -29.16 -6.02 -13.92
C ILE A 55 -29.96 -7.16 -13.29
N GLU A 56 -30.56 -7.96 -14.16
CA GLU A 56 -31.26 -9.17 -13.74
C GLU A 56 -30.30 -10.35 -13.79
N THR A 57 -30.00 -10.92 -12.63
CA THR A 57 -29.03 -11.99 -12.50
C THR A 57 -29.72 -13.30 -12.14
N ARG A 58 -29.02 -14.40 -12.40
CA ARG A 58 -29.50 -15.74 -12.08
C ARG A 58 -28.74 -16.29 -10.89
N THR A 59 -29.22 -17.42 -10.37
CA THR A 59 -28.60 -18.06 -9.22
C THR A 59 -27.32 -18.76 -9.66
N THR A 60 -26.18 -18.34 -9.10
CA THR A 60 -24.90 -18.93 -9.38
C THR A 60 -24.13 -19.14 -8.08
N TYR A 61 -23.20 -20.07 -8.11
CA TYR A 61 -22.39 -20.41 -6.93
C TYR A 61 -20.93 -20.06 -7.20
N MET A 62 -20.18 -19.92 -6.10
CA MET A 62 -18.78 -19.50 -6.20
C MET A 62 -17.91 -20.62 -6.76
N HIS A 63 -17.96 -21.79 -6.13
CA HIS A 63 -17.07 -22.91 -6.49
C HIS A 63 -15.60 -22.50 -6.39
N PHE A 64 -15.29 -21.60 -5.44
CA PHE A 64 -13.94 -21.08 -5.30
C PHE A 64 -13.75 -20.64 -3.86
N ASN A 65 -12.60 -20.98 -3.27
CA ASN A 65 -12.31 -20.68 -1.88
C ASN A 65 -11.33 -19.54 -1.68
N GLY A 66 -10.39 -19.36 -2.59
CA GLY A 66 -9.40 -18.30 -2.45
C GLY A 66 -8.20 -18.68 -1.59
N SER A 67 -7.73 -19.92 -1.70
CA SER A 67 -6.60 -20.36 -0.89
C SER A 67 -5.29 -19.75 -1.38
N GLU A 68 -5.19 -19.44 -2.68
CA GLU A 68 -3.97 -18.88 -3.24
C GLU A 68 -3.91 -17.36 -3.14
N THR A 69 -4.98 -16.71 -2.69
CA THR A 69 -5.00 -15.27 -2.50
C THR A 69 -4.66 -14.86 -1.07
N ASP A 70 -4.44 -15.83 -0.18
CA ASP A 70 -4.10 -15.50 1.19
C ASP A 70 -2.68 -14.97 1.27
N VAL A 71 -2.44 -14.10 2.26
CA VAL A 71 -1.10 -13.53 2.44
C VAL A 71 -0.08 -14.62 2.73
N GLU A 72 -0.51 -15.75 3.31
CA GLU A 72 0.41 -16.83 3.62
C GLU A 72 0.94 -17.50 2.35
N CYS A 73 0.15 -17.50 1.28
CA CYS A 73 0.59 -18.07 0.01
C CYS A 73 1.14 -17.01 -0.93
N PHE A 74 0.57 -15.80 -0.91
CA PHE A 74 1.04 -14.74 -1.78
C PHE A 74 2.48 -14.35 -1.46
N LEU A 75 2.83 -14.34 -0.17
CA LEU A 75 4.17 -13.97 0.27
C LEU A 75 5.00 -15.15 0.75
N GLY A 76 4.42 -16.35 0.82
CA GLY A 76 5.07 -17.48 1.46
C GLY A 76 5.57 -18.55 0.50
N ARG A 77 6.14 -18.14 -0.63
CA ARG A 77 6.74 -19.09 -1.57
C ARG A 77 8.22 -18.77 -1.75
N ALA A 78 9.03 -19.81 -1.74
CA ALA A 78 10.48 -19.65 -1.78
C ALA A 78 10.91 -18.93 -3.06
N ALA A 79 11.81 -17.97 -2.90
CA ALA A 79 12.29 -17.18 -4.02
C ALA A 79 13.68 -16.65 -3.69
N CYS A 80 14.44 -16.31 -4.74
CA CYS A 80 15.77 -15.74 -4.54
C CYS A 80 15.65 -14.30 -4.09
N VAL A 81 16.40 -13.96 -3.03
CA VAL A 81 16.36 -12.62 -2.46
C VAL A 81 17.75 -12.01 -2.30
N HIS A 82 18.82 -12.77 -2.51
CA HIS A 82 20.16 -12.21 -2.53
C HIS A 82 21.13 -13.20 -3.14
N VAL A 83 22.30 -12.71 -3.56
CA VAL A 83 23.30 -13.51 -4.25
C VAL A 83 24.66 -12.84 -4.07
N THR A 84 25.72 -13.63 -4.16
CA THR A 84 27.08 -13.13 -4.12
C THR A 84 27.99 -14.09 -4.87
N GLU A 85 29.27 -13.73 -4.96
CA GLU A 85 30.28 -14.57 -5.58
C GLU A 85 31.53 -14.58 -4.71
N ILE A 86 32.15 -15.75 -4.59
CA ILE A 86 33.35 -15.93 -3.79
C ILE A 86 34.25 -16.93 -4.49
N GLN A 87 35.41 -17.21 -3.89
CA GLN A 87 36.40 -18.14 -4.42
C GLN A 87 37.00 -18.96 -3.30
N ASN A 88 37.55 -20.12 -3.64
CA ASN A 88 38.28 -20.97 -2.71
C ASN A 88 39.59 -21.37 -3.37
N LYS A 89 40.70 -20.77 -2.92
CA LYS A 89 41.98 -20.86 -3.61
C LYS A 89 43.09 -20.74 -2.58
N ASP A 90 44.34 -20.77 -3.06
CA ASP A 90 45.47 -20.52 -2.19
C ASP A 90 45.50 -19.06 -1.78
N ALA A 91 45.04 -18.79 -0.55
CA ALA A 91 44.87 -17.43 -0.07
C ALA A 91 46.16 -16.80 0.44
N THR A 92 47.32 -17.37 0.11
CA THR A 92 48.58 -16.83 0.60
C THR A 92 48.88 -15.49 -0.05
N GLY A 93 49.17 -14.49 0.77
CA GLY A 93 49.58 -13.19 0.27
C GLY A 93 48.45 -12.22 -0.03
N ILE A 94 47.24 -12.48 0.44
CA ILE A 94 46.09 -11.59 0.22
C ILE A 94 45.76 -10.95 1.55
N ASP A 95 46.34 -9.78 1.82
CA ASP A 95 46.16 -9.14 3.12
C ASP A 95 44.69 -8.87 3.41
N ASN A 96 43.99 -8.25 2.45
CA ASN A 96 42.56 -8.02 2.57
C ASN A 96 41.84 -9.21 1.96
N HIS A 97 41.37 -10.11 2.83
CA HIS A 97 40.72 -11.33 2.36
C HIS A 97 39.26 -11.10 2.01
N ARG A 98 38.46 -10.66 2.99
CA ARG A 98 37.03 -10.49 2.77
C ARG A 98 36.74 -9.62 1.55
N GLU A 99 37.47 -8.51 1.40
CA GLU A 99 37.29 -7.66 0.23
C GLU A 99 37.84 -8.29 -1.04
N ALA A 100 38.66 -9.34 -0.92
CA ALA A 100 39.08 -10.14 -2.05
C ALA A 100 38.19 -11.37 -2.26
N LYS A 101 37.11 -11.49 -1.48
CA LYS A 101 36.09 -12.52 -1.67
C LYS A 101 36.55 -13.89 -1.17
N LEU A 102 37.60 -13.95 -0.35
CA LEU A 102 37.91 -15.19 0.35
C LEU A 102 36.79 -15.58 1.30
N PHE A 103 35.96 -14.60 1.67
CA PHE A 103 34.64 -14.85 2.23
C PHE A 103 33.87 -13.55 2.14
N ASN A 104 32.59 -13.64 1.79
CA ASN A 104 31.74 -12.48 1.61
C ASN A 104 30.58 -12.54 2.60
N ASP A 105 30.18 -11.38 3.08
CA ASP A 105 29.08 -11.24 4.03
C ASP A 105 28.01 -10.32 3.46
N TRP A 106 26.75 -10.68 3.71
CA TRP A 106 25.60 -9.95 3.18
C TRP A 106 24.65 -9.63 4.34
N LYS A 107 24.28 -8.37 4.47
CA LYS A 107 23.31 -7.93 5.46
C LYS A 107 21.92 -8.40 5.04
N ILE A 108 21.25 -9.15 5.92
CA ILE A 108 19.94 -9.69 5.58
C ILE A 108 18.99 -8.54 5.26
N ASN A 109 18.47 -8.55 4.04
CA ASN A 109 17.48 -7.56 3.62
C ASN A 109 16.54 -8.21 2.61
N LEU A 110 15.24 -8.04 2.85
CA LEU A 110 14.21 -8.51 1.94
C LEU A 110 13.85 -7.48 0.90
N SER A 111 14.71 -6.47 0.72
CA SER A 111 14.45 -5.34 -0.16
C SER A 111 15.50 -5.19 -1.26
N SER A 112 16.23 -6.25 -1.59
CA SER A 112 17.23 -6.20 -2.65
C SER A 112 16.74 -6.80 -3.96
N LEU A 113 15.77 -7.71 -3.91
CA LEU A 113 15.10 -8.23 -5.10
C LEU A 113 13.74 -7.56 -5.19
N VAL A 114 13.34 -7.19 -6.41
CA VAL A 114 12.20 -6.28 -6.56
C VAL A 114 10.89 -7.06 -6.64
N GLN A 115 10.90 -8.24 -7.26
CA GLN A 115 9.66 -8.95 -7.49
C GLN A 115 9.08 -9.52 -6.19
N LEU A 116 9.92 -9.69 -5.18
CA LEU A 116 9.42 -10.02 -3.84
C LEU A 116 9.33 -8.79 -2.96
N ARG A 117 10.22 -7.81 -3.19
CA ARG A 117 10.20 -6.60 -2.37
C ARG A 117 8.87 -5.88 -2.52
N LYS A 118 8.34 -5.83 -3.74
CA LYS A 118 7.07 -5.14 -3.96
C LYS A 118 5.94 -5.84 -3.20
N LYS A 119 5.88 -7.16 -3.29
CA LYS A 119 4.86 -7.91 -2.57
C LYS A 119 4.98 -7.69 -1.07
N LEU A 120 6.21 -7.57 -0.56
CA LEU A 120 6.39 -7.31 0.87
C LEU A 120 6.00 -5.89 1.24
N GLU A 121 6.24 -4.93 0.34
CA GLU A 121 5.92 -3.53 0.57
C GLU A 121 4.44 -3.23 0.39
N LEU A 122 3.67 -4.14 -0.21
CA LEU A 122 2.24 -3.94 -0.34
C LEU A 122 1.56 -3.69 1.00
N PHE A 123 2.22 -4.01 2.12
CA PHE A 123 1.68 -3.78 3.44
C PHE A 123 2.70 -3.01 4.28
N THR A 124 2.22 -2.45 5.39
CA THR A 124 3.08 -1.64 6.25
C THR A 124 3.79 -2.48 7.31
N TYR A 125 3.16 -3.56 7.78
CA TYR A 125 3.70 -4.40 8.83
C TYR A 125 3.55 -5.85 8.44
N VAL A 126 4.61 -6.64 8.59
CA VAL A 126 4.62 -8.05 8.25
C VAL A 126 5.38 -8.80 9.33
N ARG A 127 4.80 -9.88 9.84
CA ARG A 127 5.40 -10.74 10.85
C ARG A 127 5.52 -12.14 10.27
N PHE A 128 6.72 -12.72 10.33
CA PHE A 128 6.95 -13.99 9.69
C PHE A 128 8.20 -14.65 10.24
N ASP A 129 8.12 -15.96 10.46
CA ASP A 129 9.32 -16.77 10.59
C ASP A 129 9.81 -17.13 9.19
N SER A 130 11.12 -17.11 9.00
CA SER A 130 11.68 -17.21 7.66
C SER A 130 12.15 -18.63 7.36
N GLU A 131 12.42 -18.86 6.08
CA GLU A 131 13.02 -20.10 5.59
C GLU A 131 14.05 -19.70 4.55
N TYR A 132 15.29 -20.16 4.71
CA TYR A 132 16.38 -19.80 3.82
C TYR A 132 16.93 -21.02 3.10
N THR A 133 17.34 -20.81 1.84
CA THR A 133 17.99 -21.83 1.04
C THR A 133 19.17 -21.18 0.34
N ILE A 134 20.38 -21.67 0.63
CA ILE A 134 21.61 -21.08 0.10
C ILE A 134 22.11 -21.97 -1.02
N LEU A 135 22.10 -21.44 -2.24
CA LEU A 135 22.41 -22.21 -3.45
C LEU A 135 23.79 -21.83 -3.95
N ALA A 136 24.74 -22.76 -3.85
CA ALA A 136 26.09 -22.58 -4.35
C ALA A 136 26.37 -23.61 -5.44
N THR A 137 27.02 -23.18 -6.52
CA THR A 137 27.35 -24.06 -7.63
C THR A 137 28.84 -23.94 -7.93
N ALA A 138 29.48 -25.08 -8.13
CA ALA A 138 30.90 -25.14 -8.44
C ALA A 138 31.11 -24.98 -9.95
N SER A 139 32.21 -24.34 -10.31
CA SER A 139 32.47 -23.97 -11.69
C SER A 139 33.94 -23.63 -11.86
N GLN A 140 34.45 -23.82 -13.08
CA GLN A 140 35.84 -23.49 -13.39
C GLN A 140 35.97 -23.04 -14.84
N PRO A 141 35.83 -21.75 -15.14
CA PRO A 141 36.11 -21.29 -16.51
C PRO A 141 37.55 -21.50 -16.93
N ASP A 142 38.50 -21.25 -16.02
CA ASP A 142 39.92 -21.43 -16.29
C ASP A 142 40.27 -22.91 -16.24
N SER A 143 41.50 -23.23 -16.64
CA SER A 143 41.96 -24.61 -16.69
C SER A 143 41.85 -25.26 -15.32
N ALA A 144 40.96 -26.25 -15.21
CA ALA A 144 40.75 -26.97 -13.97
C ALA A 144 40.19 -28.34 -14.28
N ASN A 145 40.94 -29.37 -13.88
CA ASN A 145 40.62 -30.74 -14.28
C ASN A 145 39.36 -31.30 -13.65
N TYR A 146 38.88 -30.70 -12.56
CA TYR A 146 37.71 -31.23 -11.87
C TYR A 146 37.07 -30.13 -11.03
N SER A 147 35.92 -30.45 -10.46
CA SER A 147 35.17 -29.54 -9.59
C SER A 147 35.11 -30.17 -8.19
N SER A 148 35.80 -29.55 -7.24
CA SER A 148 36.05 -30.18 -5.94
C SER A 148 34.76 -30.56 -5.24
N ASN A 149 34.87 -31.46 -4.28
CA ASN A 149 33.75 -31.86 -3.41
C ASN A 149 33.72 -30.93 -2.19
N LEU A 150 33.21 -29.72 -2.43
CA LEU A 150 33.29 -28.66 -1.44
C LEU A 150 32.36 -28.94 -0.26
N VAL A 151 32.64 -28.27 0.86
CA VAL A 151 31.80 -28.31 2.05
C VAL A 151 31.66 -26.88 2.54
N VAL A 152 30.57 -26.22 2.16
CA VAL A 152 30.36 -24.81 2.44
C VAL A 152 29.83 -24.65 3.86
N GLN A 153 30.42 -23.73 4.60
CA GLN A 153 29.96 -23.35 5.93
C GLN A 153 29.20 -22.03 5.83
N ALA A 154 27.90 -22.10 6.11
CA ALA A 154 27.02 -20.92 6.13
C ALA A 154 26.82 -20.52 7.58
N MET A 155 26.93 -19.23 7.87
CA MET A 155 27.01 -18.73 9.23
C MET A 155 26.07 -17.55 9.41
N TYR A 156 25.29 -17.57 10.49
CA TYR A 156 24.43 -16.45 10.86
C TYR A 156 25.19 -15.54 11.81
N VAL A 157 25.07 -14.23 11.63
CA VAL A 157 25.80 -13.26 12.43
C VAL A 157 24.80 -12.32 13.12
N PRO A 158 24.51 -12.51 14.40
CA PRO A 158 23.60 -11.58 15.09
C PRO A 158 24.28 -10.26 15.39
N PRO A 159 23.52 -9.19 15.64
CA PRO A 159 24.15 -7.89 15.93
C PRO A 159 25.07 -7.98 17.13
N GLY A 160 26.35 -7.69 16.91
CA GLY A 160 27.39 -7.83 17.91
C GLY A 160 28.36 -8.95 17.63
N ALA A 161 27.87 -10.07 17.08
CA ALA A 161 28.75 -11.19 16.77
C ALA A 161 29.93 -10.70 15.93
N PRO A 162 31.12 -11.23 16.19
CA PRO A 162 32.31 -10.63 15.56
C PRO A 162 32.25 -10.74 14.05
N ASN A 163 32.05 -9.61 13.37
CA ASN A 163 32.05 -9.60 11.92
C ASN A 163 33.40 -10.13 11.44
N PRO A 164 33.47 -11.35 10.94
CA PRO A 164 34.79 -11.95 10.68
C PRO A 164 35.61 -11.09 9.73
N LYS A 165 36.93 -11.18 9.85
CA LYS A 165 37.86 -10.41 9.04
C LYS A 165 38.63 -11.25 8.04
N GLU A 166 38.86 -12.52 8.32
CA GLU A 166 39.58 -13.41 7.42
C GLU A 166 38.81 -14.72 7.29
N TRP A 167 39.12 -15.46 6.21
CA TRP A 167 38.50 -16.77 6.00
C TRP A 167 38.80 -17.76 7.12
N ASP A 168 39.81 -17.48 7.95
CA ASP A 168 40.24 -18.39 9.01
C ASP A 168 40.15 -17.71 10.38
N ASP A 169 39.15 -16.85 10.54
CA ASP A 169 39.07 -16.02 11.74
C ASP A 169 38.63 -16.84 12.94
N TYR A 170 38.71 -16.23 14.13
CA TYR A 170 38.28 -16.92 15.34
C TYR A 170 36.76 -17.05 15.45
N THR A 171 36.03 -16.66 14.41
CA THR A 171 34.57 -16.68 14.47
C THR A 171 34.01 -18.02 14.01
N TRP A 172 34.63 -18.63 13.00
CA TRP A 172 34.03 -19.78 12.34
C TRP A 172 33.77 -20.94 13.31
N GLN A 173 34.30 -20.88 14.53
CA GLN A 173 33.95 -21.89 15.53
C GLN A 173 32.44 -22.01 15.69
N SER A 174 31.73 -20.89 15.65
CA SER A 174 30.27 -20.87 15.57
C SER A 174 29.64 -21.41 16.86
N ALA A 175 30.29 -21.14 17.99
CA ALA A 175 29.78 -21.65 19.26
C ALA A 175 28.44 -21.03 19.61
N SER A 176 28.31 -19.71 19.48
CA SER A 176 27.02 -19.04 19.54
C SER A 176 26.49 -18.66 18.17
N ASN A 177 27.35 -18.36 17.21
CA ASN A 177 26.88 -18.08 15.87
C ASN A 177 26.38 -19.36 15.21
N PRO A 178 25.15 -19.38 14.70
CA PRO A 178 24.68 -20.57 13.98
C PRO A 178 25.54 -20.87 12.77
N SER A 179 25.86 -22.15 12.59
CA SER A 179 26.60 -22.60 11.41
C SER A 179 25.87 -23.77 10.79
N VAL A 180 25.97 -23.87 9.46
CA VAL A 180 25.41 -24.98 8.70
C VAL A 180 26.45 -25.43 7.68
N PHE A 181 26.87 -26.69 7.79
CA PHE A 181 27.84 -27.27 6.87
C PHE A 181 27.12 -28.09 5.82
N PHE A 182 27.59 -27.98 4.57
CA PHE A 182 26.95 -28.63 3.44
C PHE A 182 27.86 -28.49 2.23
N LYS A 183 27.66 -29.37 1.26
CA LYS A 183 28.47 -29.34 0.04
C LYS A 183 27.85 -28.40 -0.99
N VAL A 184 28.69 -27.91 -1.90
CA VAL A 184 28.23 -27.00 -2.94
C VAL A 184 27.25 -27.71 -3.85
N GLY A 185 26.22 -26.99 -4.29
CA GLY A 185 25.19 -27.57 -5.14
C GLY A 185 23.97 -27.97 -4.35
N ASP A 186 24.19 -28.55 -3.17
CA ASP A 186 23.13 -28.86 -2.23
C ASP A 186 22.99 -27.70 -1.26
N THR A 187 21.79 -27.53 -0.70
CA THR A 187 21.44 -26.31 0.02
C THR A 187 21.09 -26.64 1.46
N SER A 188 21.25 -25.63 2.31
CA SER A 188 20.88 -25.72 3.72
C SER A 188 19.44 -25.28 3.89
N ARG A 189 18.82 -25.73 4.97
CA ARG A 189 17.41 -25.43 5.22
C ARG A 189 17.24 -25.25 6.73
N PHE A 190 17.33 -24.00 7.19
CA PHE A 190 17.15 -23.68 8.60
C PHE A 190 16.04 -22.65 8.74
N SER A 191 15.22 -22.83 9.76
CA SER A 191 14.13 -21.90 10.02
C SER A 191 14.55 -20.85 11.03
N VAL A 192 13.93 -19.67 10.94
CA VAL A 192 14.25 -18.55 11.81
C VAL A 192 12.95 -17.99 12.36
N PRO A 193 12.69 -18.05 13.65
CA PRO A 193 11.52 -17.38 14.21
C PRO A 193 11.63 -15.87 14.00
N TYR A 194 10.49 -15.19 14.10
CA TYR A 194 10.45 -13.76 13.84
C TYR A 194 11.43 -13.03 14.76
N VAL A 195 12.47 -12.43 14.16
CA VAL A 195 13.56 -11.84 14.93
C VAL A 195 13.42 -10.33 15.07
N GLY A 196 12.23 -9.79 14.88
CA GLY A 196 12.04 -8.37 15.06
C GLY A 196 11.75 -8.02 16.51
N LEU A 197 12.09 -6.78 16.87
CA LEU A 197 11.82 -6.31 18.22
C LEU A 197 10.37 -5.89 18.37
N ALA A 198 9.77 -5.38 17.29
CA ALA A 198 8.35 -5.05 17.29
C ALA A 198 7.52 -6.30 17.04
N SER A 199 6.21 -6.11 16.87
CA SER A 199 5.34 -7.23 16.54
C SER A 199 5.37 -7.57 15.06
N ALA A 200 6.13 -6.83 14.25
CA ALA A 200 6.21 -7.09 12.82
C ALA A 200 7.37 -6.29 12.25
N TYR A 201 7.68 -6.55 10.98
CA TYR A 201 8.69 -5.76 10.28
C TYR A 201 8.09 -4.44 9.82
N ASN A 202 8.82 -3.36 10.05
CA ASN A 202 8.40 -2.03 9.67
C ASN A 202 8.65 -1.85 8.17
N CYS A 203 7.72 -2.34 7.35
CA CYS A 203 7.85 -2.17 5.91
C CYS A 203 7.93 -0.71 5.52
N PHE A 204 7.29 0.16 6.30
CA PHE A 204 7.47 1.60 6.18
C PHE A 204 7.69 2.16 7.57
N TYR A 205 8.77 2.93 7.72
CA TYR A 205 9.15 3.49 9.01
C TYR A 205 9.29 4.99 8.82
N ASP A 206 8.18 5.72 8.93
CA ASP A 206 8.18 7.18 8.84
C ASP A 206 8.71 7.74 10.15
N GLY A 207 9.97 7.43 10.41
CA GLY A 207 10.60 7.81 11.66
C GLY A 207 12.08 7.50 11.63
N TYR A 208 12.81 8.16 12.52
CA TYR A 208 14.26 8.05 12.58
C TYR A 208 14.64 7.19 13.78
N SER A 209 15.87 6.65 13.73
CA SER A 209 16.35 5.85 14.85
C SER A 209 16.57 6.72 16.08
N HIS A 210 16.96 7.97 15.89
CA HIS A 210 17.16 8.91 16.98
C HIS A 210 17.11 10.33 16.40
N ASP A 211 17.18 11.31 17.29
CA ASP A 211 17.06 12.72 16.90
C ASP A 211 18.45 13.29 16.67
N ASP A 212 18.88 13.28 15.42
CA ASP A 212 20.15 13.89 15.02
C ASP A 212 20.03 14.40 13.58
N ALA A 213 20.69 15.53 13.33
CA ALA A 213 20.66 16.13 11.99
C ALA A 213 21.53 15.39 10.99
N GLU A 214 22.12 14.26 11.37
CA GLU A 214 23.00 13.51 10.49
C GLU A 214 22.74 12.01 10.53
N THR A 215 21.57 11.59 11.04
CA THR A 215 21.25 10.17 11.13
C THR A 215 20.55 9.71 9.86
N GLN A 216 20.54 8.40 9.67
CA GLN A 216 19.90 7.81 8.49
C GLN A 216 18.42 7.56 8.75
N TYR A 217 17.62 7.75 7.70
CA TYR A 217 16.17 7.76 7.78
C TYR A 217 15.63 6.41 7.30
N GLY A 218 14.79 5.78 8.13
CA GLY A 218 14.19 4.52 7.78
C GLY A 218 15.01 3.32 8.22
N ILE A 219 16.24 3.22 7.70
CA ILE A 219 17.11 2.11 8.07
C ILE A 219 17.52 2.25 9.53
N THR A 220 17.01 1.35 10.37
CA THR A 220 17.22 1.41 11.81
C THR A 220 17.27 -0.01 12.35
N VAL A 221 17.12 -0.13 13.68
CA VAL A 221 17.15 -1.44 14.34
C VAL A 221 16.19 -2.40 13.67
N LEU A 222 15.00 -1.92 13.30
CA LEU A 222 13.99 -2.80 12.70
C LEU A 222 14.51 -3.42 11.39
N ASN A 223 15.46 -2.75 10.74
CA ASN A 223 15.91 -3.21 9.42
C ASN A 223 17.06 -4.21 9.55
N HIS A 224 18.02 -3.93 10.41
CA HIS A 224 19.22 -4.76 10.54
C HIS A 224 18.86 -6.04 11.29
N MET A 225 18.95 -7.18 10.59
CA MET A 225 18.74 -8.48 11.20
C MET A 225 20.05 -9.23 11.45
N GLY A 226 21.18 -8.66 11.04
CA GLY A 226 22.46 -9.31 11.18
C GLY A 226 23.20 -9.35 9.85
N SER A 227 23.67 -10.52 9.45
CA SER A 227 24.25 -10.71 8.12
C SER A 227 24.66 -12.16 7.97
N MET A 228 24.81 -12.59 6.72
CA MET A 228 25.19 -13.95 6.39
C MET A 228 26.55 -13.92 5.70
N ALA A 229 27.55 -14.53 6.32
CA ALA A 229 28.90 -14.58 5.78
C ALA A 229 29.14 -15.95 5.12
N PHE A 230 29.49 -15.91 3.84
CA PHE A 230 29.64 -17.11 3.03
C PHE A 230 31.13 -17.43 2.90
N ARG A 231 31.46 -18.73 2.91
CA ARG A 231 32.83 -19.18 2.70
C ARG A 231 32.84 -20.65 2.33
N ILE A 232 34.05 -21.18 2.18
CA ILE A 232 34.31 -22.61 2.13
C ILE A 232 35.42 -22.90 3.12
N VAL A 233 35.34 -24.07 3.77
CA VAL A 233 36.30 -24.40 4.83
C VAL A 233 37.37 -25.36 4.32
N ASN A 234 37.17 -25.98 3.17
CA ASN A 234 38.16 -26.91 2.65
C ASN A 234 39.42 -26.16 2.24
N GLU A 235 40.58 -26.77 2.53
CA GLU A 235 41.84 -26.17 2.10
C GLU A 235 41.95 -26.25 0.58
N HIS A 236 42.76 -25.36 0.02
CA HIS A 236 42.67 -25.04 -1.40
C HIS A 236 43.12 -26.20 -2.27
N ASP A 237 42.57 -26.22 -3.48
CA ASP A 237 43.02 -27.09 -4.57
C ASP A 237 44.00 -26.27 -5.41
N GLU A 238 44.27 -26.71 -6.64
CA GLU A 238 45.28 -26.03 -7.45
C GLU A 238 44.72 -24.91 -8.32
N HIS A 239 43.43 -24.58 -8.23
CA HIS A 239 42.86 -23.56 -9.10
C HIS A 239 41.79 -22.73 -8.38
N LYS A 240 41.49 -21.58 -8.98
CA LYS A 240 40.44 -20.69 -8.47
C LYS A 240 39.08 -21.25 -8.85
N THR A 241 38.22 -21.46 -7.86
CA THR A 241 36.86 -21.92 -8.07
C THR A 241 35.91 -20.78 -7.70
N LEU A 242 35.61 -19.93 -8.68
CA LEU A 242 34.75 -18.77 -8.47
C LEU A 242 33.32 -19.26 -8.18
N VAL A 243 32.92 -19.19 -6.92
CA VAL A 243 31.63 -19.69 -6.47
C VAL A 243 30.66 -18.52 -6.43
N LYS A 244 29.49 -18.70 -7.04
CA LYS A 244 28.39 -17.74 -6.92
C LYS A 244 27.30 -18.35 -6.04
N ILE A 245 27.08 -17.74 -4.88
CA ILE A 245 26.10 -18.22 -3.92
C ILE A 245 24.83 -17.40 -4.05
N ARG A 246 23.77 -18.04 -4.53
CA ARG A 246 22.45 -17.43 -4.65
C ARG A 246 21.62 -17.87 -3.46
N VAL A 247 20.94 -16.92 -2.83
CA VAL A 247 20.17 -17.18 -1.62
C VAL A 247 18.69 -17.14 -1.95
N TYR A 248 17.95 -18.15 -1.47
CA TYR A 248 16.51 -18.23 -1.65
C TYR A 248 15.83 -18.12 -0.29
N HIS A 249 14.61 -17.58 -0.28
CA HIS A 249 13.88 -17.26 0.94
C HIS A 249 12.41 -17.54 0.73
N ARG A 250 11.80 -18.22 1.70
CA ARG A 250 10.36 -18.37 1.78
C ARG A 250 9.88 -17.77 3.09
N ALA A 251 8.70 -17.14 3.06
CA ALA A 251 8.14 -16.55 4.27
C ALA A 251 7.13 -17.50 4.90
N LYS A 252 7.23 -17.65 6.22
CA LYS A 252 6.36 -18.56 6.95
C LYS A 252 5.68 -17.81 8.09
N HIS A 253 4.45 -18.22 8.41
CA HIS A 253 3.64 -17.58 9.43
C HIS A 253 3.46 -16.09 9.10
N VAL A 254 3.01 -15.83 7.87
CA VAL A 254 2.91 -14.46 7.39
C VAL A 254 1.63 -13.82 7.92
N GLU A 255 1.76 -12.62 8.46
CA GLU A 255 0.63 -11.81 8.90
C GLU A 255 0.86 -10.38 8.43
N ALA A 256 -0.18 -9.76 7.85
CA ALA A 256 -0.07 -8.47 7.20
C ALA A 256 -1.06 -7.49 7.81
N TRP A 257 -0.66 -6.21 7.81
CA TRP A 257 -1.50 -5.14 8.33
C TRP A 257 -1.33 -3.89 7.47
N ILE A 258 -2.33 -3.02 7.55
CA ILE A 258 -2.27 -1.69 6.93
C ILE A 258 -1.88 -1.81 5.47
N PRO A 259 -2.76 -2.32 4.60
CA PRO A 259 -2.40 -2.45 3.18
C PRO A 259 -2.12 -1.08 2.57
N ARG A 260 -1.14 -1.05 1.67
CA ARG A 260 -0.64 0.18 1.08
C ARG A 260 -0.82 0.15 -0.44
N ALA A 261 -0.47 1.27 -1.06
CA ALA A 261 -0.59 1.38 -2.51
C ALA A 261 0.50 0.55 -3.18
N PRO A 262 0.23 -0.06 -4.34
CA PRO A 262 1.27 -0.85 -5.01
C PRO A 262 2.46 0.00 -5.40
N ARG A 263 3.63 -0.63 -5.40
CA ARG A 263 4.85 0.05 -5.83
C ARG A 263 4.76 0.42 -7.30
N ALA A 264 5.04 1.68 -7.62
CA ALA A 264 5.00 2.18 -8.99
C ALA A 264 6.38 2.45 -9.55
N LEU A 265 7.22 3.22 -8.83
CA LEU A 265 8.58 3.47 -9.26
C LEU A 265 9.52 2.41 -8.70
N PRO A 266 10.63 2.13 -9.37
CA PRO A 266 11.55 1.10 -8.88
C PRO A 266 12.39 1.61 -7.72
N TYR A 267 13.32 0.78 -7.29
CA TYR A 267 14.17 1.10 -6.15
C TYR A 267 15.61 1.34 -6.60
N THR A 268 16.38 1.94 -5.68
CA THR A 268 17.82 2.10 -5.86
C THR A 268 18.57 1.62 -4.62
N SER A 269 17.87 1.52 -3.50
CA SER A 269 18.50 1.21 -2.22
C SER A 269 17.63 0.22 -1.45
N ILE A 270 18.14 -0.19 -0.28
CA ILE A 270 17.42 -1.12 0.57
C ILE A 270 16.72 -0.36 1.68
N GLY A 271 15.44 -0.66 1.89
CA GLY A 271 14.67 -0.03 2.95
C GLY A 271 14.27 1.40 2.69
N ARG A 272 14.76 2.02 1.62
CA ARG A 272 14.43 3.38 1.28
C ARG A 272 13.52 3.40 0.07
N THR A 273 12.49 4.24 0.13
CA THR A 273 11.57 4.43 -0.99
C THR A 273 12.08 5.47 -1.97
N ASN A 274 13.38 5.76 -1.97
CA ASN A 274 13.93 6.76 -2.87
C ASN A 274 14.05 6.21 -4.28
N TYR A 275 13.79 7.06 -5.26
CA TYR A 275 13.75 6.70 -6.67
C TYR A 275 14.66 7.64 -7.45
N PRO A 276 14.87 7.39 -8.74
CA PRO A 276 15.86 8.19 -9.48
C PRO A 276 15.23 9.43 -10.11
N LYS A 277 16.09 10.21 -10.77
CA LYS A 277 15.63 11.42 -11.43
C LYS A 277 15.17 11.12 -12.85
N ASN A 278 14.16 11.85 -13.31
CA ASN A 278 13.62 11.70 -14.65
C ASN A 278 13.08 10.31 -14.91
N THR A 279 12.52 9.66 -13.89
CA THR A 279 12.03 8.29 -14.03
C THR A 279 11.09 8.19 -15.23
N GLU A 280 10.99 6.98 -15.78
CA GLU A 280 10.18 6.74 -16.96
C GLU A 280 8.70 6.67 -16.60
N PRO A 281 7.81 7.06 -17.51
CA PRO A 281 6.37 6.95 -17.24
C PRO A 281 5.95 5.51 -16.96
N VAL A 282 4.96 5.37 -16.07
CA VAL A 282 4.42 4.06 -15.74
C VAL A 282 3.05 3.81 -16.37
N ILE A 283 2.28 4.87 -16.63
CA ILE A 283 0.96 4.71 -17.23
C ILE A 283 1.12 4.55 -18.73
N LYS A 284 0.46 3.54 -19.30
CA LYS A 284 0.53 3.25 -20.73
C LYS A 284 -0.32 4.27 -21.49
N LYS A 285 0.34 5.21 -22.16
CA LYS A 285 -0.36 6.22 -22.93
C LYS A 285 -1.25 5.56 -23.99
N ARG A 286 -2.39 6.19 -24.23
CA ARG A 286 -3.33 5.68 -25.23
C ARG A 286 -2.83 5.94 -26.64
N LYS A 287 -3.39 5.19 -27.58
CA LYS A 287 -3.17 5.43 -29.01
C LYS A 287 -4.39 6.16 -29.55
N GLY A 288 -4.34 7.48 -29.52
CA GLY A 288 -5.47 8.31 -29.90
C GLY A 288 -6.03 9.07 -28.71
N ASP A 289 -7.28 9.48 -28.87
CA ASP A 289 -7.97 10.26 -27.85
C ASP A 289 -8.49 9.33 -26.75
N ILE A 290 -9.18 9.91 -25.77
CA ILE A 290 -9.75 9.12 -24.67
C ILE A 290 -10.90 8.23 -25.13
N LYS A 291 -11.46 8.48 -26.31
CA LYS A 291 -12.60 7.71 -26.80
C LYS A 291 -12.20 6.42 -27.50
N SER A 292 -10.91 6.21 -27.75
CA SER A 292 -10.47 5.00 -28.41
C SER A 292 -10.56 3.80 -27.48
N TYR A 293 -10.66 2.61 -28.07
CA TYR A 293 -10.76 1.38 -27.32
C TYR A 293 -9.48 0.55 -27.46
N CYS B 7 -39.58 10.66 13.29
CA CYS B 7 -38.14 10.38 13.26
C CYS B 7 -37.48 11.05 12.05
N GLY B 8 -36.97 12.26 12.26
CA GLY B 8 -36.31 13.00 11.20
C GLY B 8 -34.99 13.59 11.64
N TYR B 9 -33.91 13.22 10.97
CA TYR B 9 -32.58 13.71 11.29
C TYR B 9 -31.81 13.87 9.99
N SER B 10 -30.52 14.17 10.11
CA SER B 10 -29.64 14.36 8.95
C SER B 10 -28.29 13.74 9.25
N ASP B 11 -27.67 13.20 8.21
CA ASP B 11 -26.35 12.58 8.30
C ASP B 11 -25.23 13.56 7.99
N ARG B 12 -25.55 14.74 7.47
CA ARG B 12 -24.53 15.75 7.15
C ARG B 12 -24.33 16.74 8.28
N VAL B 13 -25.26 16.82 9.23
CA VAL B 13 -25.12 17.69 10.39
C VAL B 13 -24.45 16.89 11.49
N GLN B 14 -23.20 17.24 11.81
CA GLN B 14 -22.42 16.53 12.82
C GLN B 14 -21.81 17.52 13.79
N GLN B 15 -21.60 17.06 15.02
CA GLN B 15 -20.99 17.88 16.07
C GLN B 15 -20.03 17.00 16.86
N ILE B 16 -18.79 17.46 16.99
CA ILE B 16 -17.74 16.74 17.71
C ILE B 16 -17.23 17.65 18.83
N THR B 17 -17.44 17.23 20.07
CA THR B 17 -17.03 18.00 21.24
C THR B 17 -15.92 17.25 21.96
N LEU B 18 -14.75 17.86 22.05
CA LEU B 18 -13.59 17.29 22.72
C LEU B 18 -13.01 18.34 23.66
N GLY B 19 -13.05 18.05 24.96
CA GLY B 19 -12.52 19.00 25.93
C GLY B 19 -13.36 20.27 25.94
N ASN B 20 -12.72 21.40 25.66
CA ASN B 20 -13.39 22.70 25.63
C ASN B 20 -13.59 23.21 24.21
N SER B 21 -13.29 22.40 23.20
CA SER B 21 -13.44 22.78 21.81
C SER B 21 -14.64 22.07 21.19
N THR B 22 -15.35 22.76 20.32
CA THR B 22 -16.53 22.21 19.67
C THR B 22 -16.56 22.70 18.22
N ILE B 23 -16.69 21.74 17.28
CA ILE B 23 -16.77 22.04 15.86
C ILE B 23 -18.17 21.66 15.38
N THR B 24 -18.75 22.51 14.54
CA THR B 24 -20.07 22.30 13.98
C THR B 24 -19.99 22.29 12.46
N THR B 25 -20.80 21.45 11.83
CA THR B 25 -20.83 21.33 10.39
C THR B 25 -22.21 20.88 9.95
N GLN B 26 -22.59 21.27 8.73
CA GLN B 26 -23.90 20.95 8.18
C GLN B 26 -23.81 20.27 6.82
N GLU B 27 -22.62 20.10 6.26
CA GLU B 27 -22.44 19.43 4.98
C GLU B 27 -21.28 18.44 5.06
N ALA B 28 -21.19 17.72 6.17
CA ALA B 28 -20.10 16.79 6.39
C ALA B 28 -20.46 15.40 5.87
N ALA B 29 -19.43 14.64 5.49
CA ALA B 29 -19.62 13.28 5.04
C ALA B 29 -19.43 12.31 6.20
N ASN B 30 -19.96 11.10 6.04
CA ASN B 30 -19.83 10.07 7.06
C ASN B 30 -18.38 9.93 7.49
N ALA B 31 -18.13 10.18 8.79
CA ALA B 31 -16.77 10.13 9.31
C ALA B 31 -16.16 8.75 9.08
N VAL B 32 -14.87 8.74 8.75
CA VAL B 32 -14.12 7.52 8.48
C VAL B 32 -13.31 7.15 9.70
N VAL B 33 -13.51 5.93 10.20
CA VAL B 33 -12.74 5.38 11.31
C VAL B 33 -11.73 4.44 10.69
N CYS B 34 -10.46 4.85 10.68
CA CYS B 34 -9.41 4.10 10.01
C CYS B 34 -9.42 2.64 10.42
N TYR B 35 -9.68 1.75 9.47
CA TYR B 35 -9.65 0.31 9.69
C TYR B 35 -10.67 -0.12 10.74
N ALA B 36 -11.74 0.66 10.90
CA ALA B 36 -12.83 0.32 11.81
C ALA B 36 -12.31 0.05 13.23
N GLU B 37 -11.25 0.75 13.63
CA GLU B 37 -10.63 0.59 14.94
C GLU B 37 -10.53 1.95 15.60
N TRP B 38 -11.35 2.18 16.63
CA TRP B 38 -11.27 3.44 17.36
C TRP B 38 -10.04 3.44 18.25
N PRO B 39 -9.46 4.61 18.55
CA PRO B 39 -8.29 4.65 19.42
C PRO B 39 -8.63 4.18 20.83
N GLU B 40 -7.71 3.44 21.43
CA GLU B 40 -7.89 2.91 22.77
C GLU B 40 -6.56 2.96 23.52
N TYR B 41 -6.64 3.10 24.84
CA TYR B 41 -5.43 3.17 25.65
C TYR B 41 -4.68 1.84 25.59
N LEU B 42 -3.36 1.93 25.68
CA LEU B 42 -2.51 0.75 25.63
C LEU B 42 -2.84 -0.18 26.79
N PRO B 43 -3.33 -1.40 26.52
CA PRO B 43 -3.60 -2.33 27.62
C PRO B 43 -2.32 -2.90 28.22
N ASP B 44 -2.45 -3.38 29.46
CA ASP B 44 -1.30 -3.90 30.17
C ASP B 44 -0.71 -5.13 29.50
N VAL B 45 -1.53 -5.90 28.78
CA VAL B 45 -1.07 -7.16 28.20
C VAL B 45 -0.06 -6.96 27.08
N ASP B 46 0.16 -5.72 26.63
CA ASP B 46 1.10 -5.45 25.55
C ASP B 46 2.23 -4.50 25.94
N ALA B 47 2.19 -3.92 27.14
CA ALA B 47 3.20 -2.95 27.53
C ALA B 47 4.56 -3.61 27.70
N SER B 48 5.60 -2.90 27.29
CA SER B 48 6.99 -3.35 27.43
C SER B 48 7.79 -2.43 28.33
N ASP B 49 7.43 -1.15 28.40
CA ASP B 49 8.10 -0.23 29.32
C ASP B 49 7.51 -0.37 30.72
N VAL B 50 8.28 0.04 31.72
CA VAL B 50 7.89 -0.18 33.11
C VAL B 50 7.32 1.07 33.79
N ASN B 51 7.68 2.27 33.34
CA ASN B 51 7.18 3.49 33.95
C ASN B 51 5.68 3.64 33.69
N LYS B 52 4.98 4.25 34.65
CA LYS B 52 3.54 4.46 34.51
C LYS B 52 3.26 5.63 33.56
N THR B 53 2.17 5.51 32.80
CA THR B 53 1.82 6.52 31.82
C THR B 53 0.95 7.61 32.43
N SER B 54 1.17 8.84 31.99
CA SER B 54 0.34 9.97 32.42
C SER B 54 -0.66 10.31 31.32
N LYS B 55 -1.89 10.62 31.71
CA LYS B 55 -2.96 10.89 30.75
C LYS B 55 -3.47 12.33 30.88
N PRO B 56 -2.89 13.28 30.14
CA PRO B 56 -3.47 14.62 30.09
C PRO B 56 -4.74 14.66 29.27
N ASP B 57 -5.77 13.95 29.74
CA ASP B 57 -7.00 13.72 28.98
C ASP B 57 -7.54 15.06 28.47
N THR B 58 -7.87 16.01 29.35
CA THR B 58 -8.58 17.21 28.90
C THR B 58 -7.63 18.28 28.40
N SER B 59 -6.39 18.31 28.89
CA SER B 59 -5.49 19.42 28.56
C SER B 59 -5.06 19.37 27.10
N VAL B 60 -4.80 18.18 26.56
CA VAL B 60 -4.25 18.05 25.22
C VAL B 60 -5.26 17.53 24.21
N CYS B 61 -6.31 16.84 24.63
CA CYS B 61 -7.29 16.28 23.70
C CYS B 61 -8.35 17.34 23.37
N ARG B 62 -7.95 18.26 22.51
CA ARG B 62 -8.85 19.31 22.04
C ARG B 62 -8.48 19.66 20.60
N PHE B 63 -9.44 20.29 19.91
CA PHE B 63 -9.25 20.65 18.52
C PHE B 63 -8.27 21.81 18.41
N TYR B 64 -7.13 21.56 17.78
CA TYR B 64 -6.13 22.58 17.51
C TYR B 64 -6.19 22.96 16.03
N THR B 65 -6.56 24.20 15.75
CA THR B 65 -6.71 24.66 14.38
C THR B 65 -5.35 25.06 13.81
N LEU B 66 -4.97 24.44 12.71
CA LEU B 66 -3.71 24.75 12.03
C LEU B 66 -3.92 25.89 11.05
N ASP B 67 -2.81 26.56 10.71
CA ASP B 67 -2.86 27.66 9.75
C ASP B 67 -3.51 27.20 8.45
N SER B 68 -4.48 27.98 7.98
CA SER B 68 -5.20 27.62 6.77
C SER B 68 -4.30 27.76 5.54
N LYS B 69 -4.59 26.94 4.53
CA LYS B 69 -3.86 26.94 3.28
C LYS B 69 -4.70 27.57 2.18
N THR B 70 -4.03 28.05 1.14
CA THR B 70 -4.68 28.71 0.01
C THR B 70 -4.72 27.73 -1.16
N TRP B 71 -5.93 27.35 -1.55
CA TRP B 71 -6.13 26.41 -2.66
C TRP B 71 -6.32 27.21 -3.95
N THR B 72 -5.29 27.19 -4.80
CA THR B 72 -5.32 27.89 -6.08
C THR B 72 -5.48 26.88 -7.21
N THR B 73 -5.58 27.40 -8.44
CA THR B 73 -5.76 26.54 -9.61
C THR B 73 -4.53 25.69 -9.89
N GLY B 74 -3.36 26.09 -9.37
CA GLY B 74 -2.13 25.36 -9.58
C GLY B 74 -1.56 24.67 -8.35
N SER B 75 -2.32 24.58 -7.26
CA SER B 75 -1.82 23.95 -6.05
C SER B 75 -1.74 22.44 -6.25
N LYS B 76 -0.62 21.84 -5.86
CA LYS B 76 -0.42 20.40 -6.00
C LYS B 76 -0.95 19.63 -4.79
N GLY B 77 -0.84 20.19 -3.60
CA GLY B 77 -1.32 19.53 -2.41
C GLY B 77 -0.50 19.94 -1.21
N TRP B 78 -0.88 19.37 -0.06
CA TRP B 78 -0.21 19.65 1.21
C TRP B 78 -0.09 18.34 1.99
N CYS B 79 0.97 18.26 2.80
CA CYS B 79 1.23 17.07 3.61
C CYS B 79 1.63 17.50 5.02
N TRP B 80 1.05 16.85 6.02
CA TRP B 80 1.35 17.10 7.42
C TRP B 80 1.71 15.79 8.11
N LYS B 81 2.64 15.89 9.06
CA LYS B 81 3.08 14.75 9.85
C LYS B 81 2.59 14.90 11.29
N LEU B 82 2.21 13.78 11.90
CA LEU B 82 1.74 13.75 13.26
C LEU B 82 2.61 12.83 14.10
N PRO B 83 2.84 13.16 15.39
CA PRO B 83 2.35 14.35 16.09
C PRO B 83 3.15 15.60 15.80
N ASP B 84 4.00 15.56 14.78
CA ASP B 84 4.84 16.70 14.44
C ASP B 84 4.00 17.96 14.22
N ALA B 85 2.85 17.81 13.55
CA ALA B 85 2.02 18.97 13.24
C ALA B 85 1.54 19.67 14.50
N LEU B 86 1.57 19.01 15.66
CA LEU B 86 1.07 19.57 16.90
C LEU B 86 2.15 19.60 17.99
N LYS B 87 3.42 19.50 17.61
CA LYS B 87 4.48 19.47 18.61
C LYS B 87 4.85 20.85 19.12
N ASP B 88 4.33 21.91 18.49
CA ASP B 88 4.51 23.28 18.96
C ASP B 88 3.20 23.87 19.47
N MET B 89 2.23 23.03 19.85
CA MET B 89 0.89 23.47 20.23
C MET B 89 0.71 23.27 21.74
N GLY B 90 0.88 24.34 22.50
CA GLY B 90 0.53 24.33 23.90
C GLY B 90 1.24 23.24 24.68
N VAL B 91 0.52 22.63 25.61
CA VAL B 91 1.12 21.65 26.52
C VAL B 91 1.34 20.30 25.87
N PHE B 92 0.66 20.01 24.75
CA PHE B 92 0.91 18.77 24.03
C PHE B 92 2.36 18.70 23.56
N GLY B 93 2.88 19.82 23.03
CA GLY B 93 4.27 19.83 22.60
C GLY B 93 5.24 19.56 23.74
N GLN B 94 4.92 20.06 24.94
CA GLN B 94 5.79 19.84 26.08
C GLN B 94 5.73 18.40 26.56
N ASN B 95 4.52 17.83 26.60
CA ASN B 95 4.40 16.42 26.95
C ASN B 95 5.08 15.54 25.91
N MET B 96 5.18 16.04 24.67
CA MET B 96 5.82 15.28 23.60
C MET B 96 7.33 15.36 23.69
N PHE B 97 7.87 16.54 23.97
CA PHE B 97 9.32 16.72 24.07
C PHE B 97 9.90 16.17 25.37
N PHE B 98 9.34 16.54 26.52
CA PHE B 98 9.93 16.20 27.81
C PHE B 98 9.91 14.69 28.10
N HIS B 99 9.38 13.87 27.20
CA HIS B 99 9.44 12.43 27.34
C HIS B 99 10.21 11.84 26.17
N SER B 100 10.58 10.56 26.31
CA SER B 100 11.29 9.88 25.24
C SER B 100 10.30 9.27 24.24
N LEU B 101 9.06 9.04 24.66
CA LEU B 101 8.05 8.42 23.83
C LEU B 101 6.68 8.99 24.15
N GLY B 102 5.71 8.69 23.29
CA GLY B 102 4.34 9.10 23.52
C GLY B 102 3.39 8.23 22.73
N ARG B 103 2.12 8.26 23.11
CA ARG B 103 1.07 7.50 22.46
C ARG B 103 -0.22 8.30 22.50
N SER B 104 -0.87 8.44 21.34
CA SER B 104 -2.10 9.20 21.26
C SER B 104 -2.75 8.99 19.90
N GLY B 105 -4.08 9.02 19.88
CA GLY B 105 -4.82 9.02 18.63
C GLY B 105 -5.04 10.43 18.11
N TYR B 106 -5.67 10.51 16.94
CA TYR B 106 -5.92 11.79 16.29
C TYR B 106 -7.28 11.77 15.61
N THR B 107 -8.01 12.87 15.74
CA THR B 107 -9.29 13.07 15.05
C THR B 107 -9.13 14.24 14.09
N VAL B 108 -8.75 13.93 12.85
CA VAL B 108 -8.48 14.95 11.84
C VAL B 108 -9.81 15.51 11.34
N HIS B 109 -9.84 16.82 11.11
CA HIS B 109 -11.03 17.50 10.59
C HIS B 109 -10.56 18.57 9.61
N VAL B 110 -10.76 18.32 8.31
CA VAL B 110 -10.40 19.27 7.26
C VAL B 110 -11.62 20.11 6.93
N GLN B 111 -11.39 21.40 6.65
CA GLN B 111 -12.47 22.34 6.39
C GLN B 111 -12.19 23.06 5.08
N CYS B 112 -13.16 23.01 4.16
CA CYS B 112 -13.06 23.73 2.89
C CYS B 112 -14.49 23.99 2.42
N ASN B 113 -14.96 25.22 2.62
CA ASN B 113 -16.31 25.61 2.27
C ASN B 113 -16.32 26.43 0.99
N ALA B 114 -17.41 26.32 0.24
CA ALA B 114 -17.60 27.07 -0.99
C ALA B 114 -19.07 27.07 -1.35
N THR B 115 -19.42 27.85 -2.37
CA THR B 115 -20.81 27.93 -2.81
C THR B 115 -21.12 26.79 -3.77
N LYS B 116 -22.36 26.75 -4.25
CA LYS B 116 -22.81 25.72 -5.17
C LYS B 116 -22.32 25.95 -6.60
N PHE B 117 -21.56 27.02 -6.85
CA PHE B 117 -21.04 27.30 -8.18
C PHE B 117 -19.61 26.82 -8.38
N HIS B 118 -18.84 26.65 -7.30
CA HIS B 118 -17.47 26.21 -7.42
C HIS B 118 -17.39 24.73 -7.74
N SER B 119 -16.28 24.32 -8.36
CA SER B 119 -16.03 22.93 -8.71
C SER B 119 -14.62 22.56 -8.28
N GLY B 120 -14.46 21.33 -7.82
CA GLY B 120 -13.18 20.84 -7.35
C GLY B 120 -13.37 19.71 -6.36
N CYS B 121 -12.30 18.93 -6.18
CA CYS B 121 -12.32 17.78 -5.28
C CYS B 121 -10.97 17.64 -4.61
N LEU B 122 -10.97 17.60 -3.28
CA LEU B 122 -9.75 17.42 -2.49
C LEU B 122 -9.68 15.99 -1.99
N LEU B 123 -8.47 15.45 -1.94
CA LEU B 123 -8.22 14.10 -1.46
C LEU B 123 -7.58 14.19 -0.07
N VAL B 124 -8.38 13.93 0.96
CA VAL B 124 -7.91 13.89 2.34
C VAL B 124 -7.67 12.43 2.69
N VAL B 125 -6.40 12.05 2.81
CA VAL B 125 -6.00 10.67 3.04
C VAL B 125 -4.98 10.62 4.16
N VAL B 126 -5.03 9.56 4.96
CA VAL B 126 -4.09 9.32 6.05
C VAL B 126 -3.20 8.16 5.63
N ILE B 127 -1.90 8.41 5.54
CA ILE B 127 -0.93 7.42 5.11
C ILE B 127 -0.06 7.06 6.31
N PRO B 128 -0.35 5.96 7.02
CA PRO B 128 0.52 5.55 8.12
C PRO B 128 1.91 5.20 7.63
N GLU B 129 2.91 5.72 8.33
CA GLU B 129 4.31 5.49 7.99
C GLU B 129 4.61 5.96 6.56
N HIS B 130 4.45 7.27 6.36
CA HIS B 130 4.67 7.88 5.05
C HIS B 130 6.13 8.33 4.95
N GLN B 131 7.01 7.37 4.68
CA GLN B 131 8.43 7.65 4.52
C GLN B 131 8.67 8.19 3.11
N LEU B 132 8.98 9.48 3.03
CA LEU B 132 9.04 10.17 1.74
C LEU B 132 10.38 9.91 1.05
N ALA B 133 10.41 10.22 -0.25
CA ALA B 133 11.58 9.98 -1.10
C ALA B 133 12.37 11.28 -1.28
N SER B 134 13.68 11.15 -1.38
CA SER B 134 14.54 12.31 -1.58
C SER B 134 14.58 12.70 -3.04
N HIS B 135 14.93 13.97 -3.29
CA HIS B 135 14.93 14.51 -4.64
C HIS B 135 16.22 14.22 -5.40
N GLU B 136 17.26 13.73 -4.72
CA GLU B 136 18.55 13.52 -5.36
C GLU B 136 18.74 12.11 -5.89
N GLY B 137 17.94 11.15 -5.42
CA GLY B 137 18.03 9.78 -5.92
C GLY B 137 19.34 9.11 -5.54
N GLY B 138 19.60 7.99 -6.20
CA GLY B 138 20.77 7.19 -5.86
C GLY B 138 20.59 6.51 -4.53
N ASN B 139 21.30 7.00 -3.51
CA ASN B 139 21.12 6.56 -2.14
C ASN B 139 21.00 7.73 -1.18
N VAL B 140 20.45 8.86 -1.64
CA VAL B 140 20.36 10.04 -0.79
C VAL B 140 19.27 9.84 0.26
N SER B 141 19.44 10.46 1.41
CA SER B 141 18.48 10.41 2.50
C SER B 141 17.69 11.72 2.58
N VAL B 142 16.59 11.67 3.32
CA VAL B 142 15.81 12.88 3.61
C VAL B 142 16.13 13.33 5.02
N LYS B 143 16.44 14.63 5.18
CA LYS B 143 16.97 15.13 6.44
C LYS B 143 15.85 15.44 7.42
N TYR B 144 16.10 15.08 8.69
CA TYR B 144 15.10 15.23 9.74
C TYR B 144 14.53 16.64 9.80
N THR B 145 15.33 17.63 9.37
CA THR B 145 14.91 19.02 9.50
C THR B 145 13.73 19.35 8.60
N PHE B 146 13.46 18.53 7.57
CA PHE B 146 12.37 18.82 6.63
C PHE B 146 11.13 17.99 6.88
N THR B 147 11.27 16.66 7.00
CA THR B 147 10.13 15.79 7.26
C THR B 147 9.37 16.17 8.52
N HIS B 148 10.00 16.90 9.45
CA HIS B 148 9.37 17.32 10.70
C HIS B 148 9.22 18.83 10.68
N PRO B 149 8.32 19.36 9.84
CA PRO B 149 8.17 20.81 9.74
C PRO B 149 7.51 21.41 10.98
N GLY B 150 6.48 20.74 11.49
CA GLY B 150 5.63 21.28 12.53
C GLY B 150 4.27 21.64 11.96
N GLU B 151 3.64 22.68 12.50
CA GLU B 151 2.38 23.14 11.92
C GLU B 151 2.53 23.65 10.49
N ARG B 152 3.76 23.88 10.03
CA ARG B 152 3.97 24.39 8.68
C ARG B 152 3.49 23.39 7.64
N GLY B 153 3.76 22.10 7.84
CA GLY B 153 3.46 21.13 6.82
C GLY B 153 4.43 21.23 5.65
N ILE B 154 4.15 20.42 4.63
CA ILE B 154 4.96 20.35 3.43
C ILE B 154 4.09 20.78 2.25
N ASP B 155 4.47 21.88 1.61
CA ASP B 155 3.78 22.37 0.42
C ASP B 155 4.42 21.73 -0.81
N LEU B 156 3.63 20.92 -1.53
CA LEU B 156 4.16 20.16 -2.65
C LEU B 156 4.40 21.02 -3.89
N SER B 157 4.05 22.31 -3.85
CA SER B 157 4.26 23.19 -5.00
C SER B 157 5.51 24.04 -4.87
N SER B 158 6.23 23.97 -3.76
CA SER B 158 7.39 24.82 -3.54
C SER B 158 8.65 24.17 -4.11
N ALA B 159 9.76 24.89 -4.02
CA ALA B 159 11.04 24.41 -4.50
C ALA B 159 11.71 23.51 -3.45
N ASN B 160 12.42 22.50 -3.94
CA ASN B 160 13.05 21.53 -3.06
C ASN B 160 14.33 22.09 -2.45
N GLU B 161 14.56 21.77 -1.18
CA GLU B 161 15.75 22.22 -0.47
C GLU B 161 16.56 21.01 -0.01
N VAL B 162 17.86 21.24 0.19
CA VAL B 162 18.78 20.15 0.48
C VAL B 162 18.37 19.48 1.78
N GLY B 163 17.90 18.25 1.68
CA GLY B 163 17.44 17.51 2.83
C GLY B 163 15.94 17.33 2.93
N GLY B 164 15.17 18.03 2.10
CA GLY B 164 13.75 17.83 2.04
C GLY B 164 13.38 16.86 0.96
N PRO B 165 12.38 16.01 1.21
CA PRO B 165 12.01 15.00 0.22
C PRO B 165 11.46 15.64 -1.04
N VAL B 166 11.29 14.82 -2.06
CA VAL B 166 10.74 15.30 -3.33
C VAL B 166 9.25 15.55 -3.15
N LYS B 167 8.73 16.52 -3.92
CA LYS B 167 7.35 16.98 -3.77
C LYS B 167 6.53 16.70 -5.02
N ASP B 168 6.88 15.65 -5.76
CA ASP B 168 6.09 15.22 -6.92
C ASP B 168 4.82 14.57 -6.39
N VAL B 169 3.73 15.34 -6.33
CA VAL B 169 2.48 14.85 -5.77
C VAL B 169 2.00 13.62 -6.51
N ILE B 170 2.34 13.49 -7.81
CA ILE B 170 1.92 12.33 -8.57
C ILE B 170 2.44 11.03 -7.94
N TYR B 171 3.69 11.02 -7.51
CA TYR B 171 4.31 9.83 -6.93
C TYR B 171 4.15 9.79 -5.41
N ASN B 172 3.25 10.60 -4.86
CA ASN B 172 2.97 10.60 -3.42
C ASN B 172 4.22 10.81 -2.59
N MET B 173 5.27 11.37 -3.18
CA MET B 173 6.55 11.64 -2.52
C MET B 173 7.24 10.38 -2.03
N ASN B 174 6.74 9.19 -2.40
CA ASN B 174 7.33 7.94 -1.95
C ASN B 174 7.45 6.89 -3.05
N GLY B 175 7.05 7.21 -4.28
CA GLY B 175 7.13 6.25 -5.37
C GLY B 175 5.86 5.51 -5.67
N THR B 176 4.73 5.92 -5.10
CA THR B 176 3.44 5.31 -5.37
C THR B 176 2.53 6.31 -6.08
N LEU B 177 1.69 5.78 -6.98
CA LEU B 177 0.83 6.62 -7.80
C LEU B 177 -0.31 7.20 -6.97
N LEU B 178 -0.75 8.39 -7.37
CA LEU B 178 -1.79 9.10 -6.62
C LEU B 178 -3.10 8.30 -6.62
N GLY B 179 -3.41 7.64 -7.73
CA GLY B 179 -4.66 6.91 -7.83
C GLY B 179 -4.77 5.73 -6.88
N ASN B 180 -3.65 5.29 -6.32
CA ASN B 180 -3.62 4.13 -5.44
C ASN B 180 -3.68 4.50 -3.96
N LEU B 181 -3.72 5.79 -3.62
CA LEU B 181 -3.80 6.19 -2.22
C LEU B 181 -5.16 5.89 -1.60
N LEU B 182 -6.17 5.57 -2.41
CA LEU B 182 -7.50 5.31 -1.87
C LEU B 182 -7.56 4.04 -1.03
N ILE B 183 -6.53 3.19 -1.09
CA ILE B 183 -6.49 2.02 -0.22
C ILE B 183 -6.41 2.45 1.23
N PHE B 184 -5.79 3.61 1.50
CA PHE B 184 -5.71 4.14 2.85
C PHE B 184 -7.04 4.77 3.25
N PRO B 185 -7.29 4.93 4.55
CA PRO B 185 -8.50 5.64 4.99
C PRO B 185 -8.48 7.09 4.51
N HIS B 186 -9.46 7.44 3.67
CA HIS B 186 -9.50 8.74 3.03
C HIS B 186 -10.93 9.20 2.88
N GLN B 187 -11.08 10.47 2.49
CA GLN B 187 -12.39 11.05 2.20
C GLN B 187 -12.19 12.20 1.22
N PHE B 188 -13.13 12.31 0.27
CA PHE B 188 -13.08 13.38 -0.72
C PHE B 188 -13.97 14.53 -0.29
N ILE B 189 -13.43 15.75 -0.40
CA ILE B 189 -14.18 16.97 -0.11
C ILE B 189 -14.66 17.50 -1.45
N ASN B 190 -15.84 17.07 -1.86
CA ASN B 190 -16.42 17.49 -3.14
C ASN B 190 -17.25 18.74 -2.89
N LEU B 191 -16.80 19.87 -3.46
CA LEU B 191 -17.43 21.15 -3.18
C LEU B 191 -18.94 21.13 -3.43
N ARG B 192 -19.41 20.24 -4.31
CA ARG B 192 -20.84 20.15 -4.57
C ARG B 192 -21.58 19.30 -3.56
N THR B 193 -20.89 18.42 -2.85
CA THR B 193 -21.51 17.49 -1.90
C THR B 193 -20.97 17.62 -0.49
N ASN B 194 -19.67 17.86 -0.32
CA ASN B 194 -19.07 17.91 1.00
C ASN B 194 -18.11 19.07 1.09
N ASN B 195 -18.04 19.69 2.27
CA ASN B 195 -17.11 20.78 2.54
C ASN B 195 -16.18 20.52 3.71
N THR B 196 -16.45 19.50 4.53
CA THR B 196 -15.64 19.19 5.69
C THR B 196 -15.47 17.68 5.80
N ALA B 197 -14.22 17.24 5.89
CA ALA B 197 -13.90 15.82 6.04
C ALA B 197 -13.47 15.52 7.47
N THR B 198 -13.75 14.30 7.91
CA THR B 198 -13.41 13.86 9.26
C THR B 198 -12.87 12.45 9.20
N ILE B 199 -11.70 12.24 9.80
CA ILE B 199 -11.03 10.94 9.81
C ILE B 199 -10.48 10.71 11.21
N VAL B 200 -11.03 9.74 11.92
CA VAL B 200 -10.55 9.37 13.26
C VAL B 200 -9.38 8.41 13.10
N ILE B 201 -8.19 8.85 13.47
CA ILE B 201 -6.96 8.10 13.27
C ILE B 201 -6.55 7.47 14.60
N PRO B 202 -6.45 6.15 14.70
CA PRO B 202 -5.91 5.53 15.91
C PRO B 202 -4.39 5.43 15.83
N TYR B 203 -3.80 4.92 16.91
CA TYR B 203 -2.35 4.73 16.97
C TYR B 203 -1.98 3.50 16.17
N ILE B 204 -1.17 3.68 15.13
CA ILE B 204 -0.76 2.61 14.23
C ILE B 204 0.75 2.49 14.31
N ASN B 205 1.23 1.37 14.84
CA ASN B 205 2.67 1.12 14.93
C ASN B 205 2.88 -0.34 15.27
N SER B 206 4.08 -0.84 14.95
CA SER B 206 4.43 -2.22 15.22
C SER B 206 4.78 -2.48 16.68
N VAL B 207 4.83 -1.44 17.51
CA VAL B 207 5.20 -1.58 18.92
C VAL B 207 4.08 -1.03 19.79
N PRO B 208 4.00 -1.44 21.05
CA PRO B 208 2.99 -0.82 21.94
C PRO B 208 3.26 0.65 22.19
N ILE B 209 4.53 1.06 22.24
CA ILE B 209 4.90 2.45 22.44
C ILE B 209 6.15 2.72 21.61
N ASP B 210 6.22 3.91 21.03
CA ASP B 210 7.38 4.34 20.27
C ASP B 210 7.59 5.83 20.49
N SER B 211 8.76 6.30 20.06
CA SER B 211 9.07 7.72 20.17
C SER B 211 8.07 8.55 19.39
N MET B 212 7.77 9.74 19.90
CA MET B 212 6.85 10.66 19.24
C MET B 212 7.53 11.86 18.61
N THR B 213 8.82 12.07 18.89
CA THR B 213 9.56 13.17 18.29
C THR B 213 10.30 12.76 17.02
N ARG B 214 11.01 11.64 17.06
CA ARG B 214 11.74 11.16 15.89
C ARG B 214 10.91 10.26 14.99
N HIS B 215 9.77 9.78 15.48
CA HIS B 215 8.94 8.85 14.74
C HIS B 215 7.52 9.40 14.64
N ASN B 216 7.07 9.65 13.41
CA ASN B 216 5.72 10.11 13.13
C ASN B 216 4.91 8.93 12.62
N ASN B 217 3.84 8.59 13.35
CA ASN B 217 3.09 7.38 13.01
C ASN B 217 2.31 7.56 11.71
N VAL B 218 1.59 8.67 11.57
CA VAL B 218 0.72 8.91 10.42
C VAL B 218 1.07 10.26 9.80
N SER B 219 0.61 10.43 8.56
CA SER B 219 0.83 11.66 7.81
C SER B 219 -0.45 12.03 7.09
N LEU B 220 -0.91 13.27 7.28
CA LEU B 220 -2.13 13.77 6.65
C LEU B 220 -1.77 14.46 5.34
N MET B 221 -2.53 14.17 4.29
CA MET B 221 -2.31 14.75 2.97
C MET B 221 -3.63 15.30 2.43
N VAL B 222 -3.56 16.50 1.85
CA VAL B 222 -4.70 17.11 1.16
C VAL B 222 -4.25 17.35 -0.27
N ILE B 223 -4.67 16.49 -1.19
CA ILE B 223 -4.25 16.52 -2.58
C ILE B 223 -5.44 16.90 -3.45
N PRO B 224 -5.47 18.09 -4.04
CA PRO B 224 -6.57 18.43 -4.97
C PRO B 224 -6.52 17.53 -6.19
N ILE B 225 -7.58 16.75 -6.39
CA ILE B 225 -7.68 15.85 -7.53
C ILE B 225 -8.24 16.62 -8.71
N ALA B 226 -9.43 17.18 -8.55
CA ALA B 226 -10.03 18.00 -9.59
C ALA B 226 -9.60 19.46 -9.40
N PRO B 227 -9.12 20.14 -10.43
CA PRO B 227 -8.67 21.52 -10.24
C PRO B 227 -9.81 22.44 -9.85
N LEU B 228 -9.47 23.45 -9.04
CA LEU B 228 -10.46 24.41 -8.59
C LEU B 228 -10.91 25.30 -9.74
N THR B 229 -12.20 25.24 -10.06
CA THR B 229 -12.80 26.03 -11.12
C THR B 229 -13.82 26.97 -10.48
N VAL B 230 -13.39 28.20 -10.19
CA VAL B 230 -14.24 29.18 -9.53
C VAL B 230 -15.13 29.84 -10.59
N PRO B 231 -16.31 30.34 -10.22
CA PRO B 231 -17.17 30.99 -11.22
C PRO B 231 -16.53 32.25 -11.77
N THR B 232 -17.10 32.73 -12.88
CA THR B 232 -16.57 33.91 -13.54
C THR B 232 -16.68 35.12 -12.62
N GLY B 233 -15.54 35.75 -12.33
CA GLY B 233 -15.50 36.93 -11.50
C GLY B 233 -15.22 36.69 -10.03
N ALA B 234 -15.08 35.43 -9.61
CA ALA B 234 -14.81 35.10 -8.22
C ALA B 234 -13.31 34.97 -7.98
N THR B 235 -12.93 35.08 -6.71
CA THR B 235 -11.54 34.95 -6.32
C THR B 235 -11.04 33.54 -6.60
N PRO B 236 -9.94 33.35 -7.33
CA PRO B 236 -9.45 31.99 -7.61
C PRO B 236 -8.70 31.39 -6.43
N SER B 237 -9.31 31.41 -5.24
CA SER B 237 -8.67 30.87 -4.06
C SER B 237 -9.74 30.50 -3.03
N LEU B 238 -9.51 29.40 -2.33
CA LEU B 238 -10.38 28.94 -1.27
C LEU B 238 -9.54 28.51 -0.07
N PRO B 239 -9.90 28.94 1.14
CA PRO B 239 -9.10 28.56 2.31
C PRO B 239 -9.39 27.13 2.76
N ILE B 240 -8.32 26.40 3.07
CA ILE B 240 -8.42 25.04 3.60
C ILE B 240 -7.85 25.06 5.01
N THR B 241 -8.73 24.85 6.00
CA THR B 241 -8.35 24.85 7.40
C THR B 241 -8.35 23.42 7.93
N VAL B 242 -7.20 22.98 8.45
CA VAL B 242 -7.03 21.65 9.00
C VAL B 242 -7.04 21.75 10.51
N THR B 243 -7.91 20.97 11.16
CA THR B 243 -8.04 20.95 12.60
C THR B 243 -7.87 19.51 13.08
N ILE B 244 -6.91 19.28 13.97
CA ILE B 244 -6.60 17.97 14.50
C ILE B 244 -6.75 17.99 16.01
N ALA B 245 -7.35 16.94 16.56
CA ALA B 245 -7.60 16.82 17.99
C ALA B 245 -7.02 15.51 18.51
N PRO B 246 -5.97 15.53 19.34
CA PRO B 246 -5.49 14.28 19.92
C PRO B 246 -6.54 13.64 20.81
N MET B 247 -6.41 12.33 21.01
CA MET B 247 -7.33 11.58 21.85
C MET B 247 -6.63 10.32 22.35
N CYS B 248 -6.98 9.92 23.57
CA CYS B 248 -6.34 8.78 24.22
C CYS B 248 -4.83 8.97 24.30
N THR B 249 -4.42 10.12 24.84
CA THR B 249 -3.01 10.48 24.89
C THR B 249 -2.33 9.83 26.08
N GLU B 250 -1.07 9.41 25.88
CA GLU B 250 -0.27 8.79 26.93
C GLU B 250 1.19 9.17 26.75
N PHE B 251 1.88 9.35 27.87
CA PHE B 251 3.32 9.63 27.88
C PHE B 251 3.96 8.91 29.05
N SER B 252 5.24 8.54 28.88
CA SER B 252 5.95 7.76 29.87
C SER B 252 7.39 8.22 29.97
N GLY B 253 7.83 8.48 31.20
CA GLY B 253 9.21 8.84 31.45
C GLY B 253 9.52 10.31 31.33
N ILE B 254 8.86 11.15 32.15
CA ILE B 254 9.13 12.58 32.11
C ILE B 254 10.63 12.80 32.20
N ARG B 255 11.17 13.51 31.22
CA ARG B 255 12.61 13.56 30.98
C ARG B 255 13.03 15.00 30.73
N SER B 256 14.34 15.24 30.86
CA SER B 256 14.89 16.49 30.40
C SER B 256 14.41 16.76 28.98
N LYS B 257 14.07 18.01 28.70
CA LYS B 257 13.42 18.35 27.44
C LYS B 257 14.11 17.67 26.27
N SER B 258 13.31 17.11 25.36
CA SER B 258 13.83 16.61 24.10
C SER B 258 14.41 17.77 23.29
N ILE B 259 15.66 17.61 22.87
CA ILE B 259 16.39 18.67 22.19
C ILE B 259 16.33 18.41 20.68
N VAL B 260 15.63 19.27 19.97
CA VAL B 260 15.56 19.21 18.51
C VAL B 260 16.40 20.35 17.96
N PRO B 261 16.82 20.26 16.68
CA PRO B 261 17.57 21.38 16.09
C PRO B 261 16.80 22.68 16.17
N GLN B 262 17.48 23.81 16.02
CA GLN B 262 16.88 25.11 16.26
C GLN B 262 16.32 25.16 17.68
N GLY C 1 17.70 -50.68 10.38
CA GLY C 1 17.70 -49.65 9.31
C GLY C 1 16.46 -49.73 8.44
N LEU C 2 15.56 -48.78 8.61
CA LEU C 2 14.31 -48.77 7.87
C LEU C 2 14.58 -48.76 6.37
N PRO C 3 14.24 -49.83 5.64
CA PRO C 3 14.47 -49.83 4.19
C PRO C 3 13.65 -48.74 3.51
N THR C 4 14.31 -47.94 2.69
CA THR C 4 13.68 -46.85 1.96
C THR C 4 14.13 -46.87 0.51
N THR C 5 13.33 -46.24 -0.34
CA THR C 5 13.61 -46.14 -1.77
C THR C 5 13.42 -44.68 -2.19
N THR C 6 14.49 -44.05 -2.65
CA THR C 6 14.44 -42.64 -3.04
C THR C 6 13.68 -42.51 -4.36
N LEU C 7 12.54 -41.82 -4.31
CA LEU C 7 11.76 -41.59 -5.52
C LEU C 7 12.46 -40.58 -6.42
N PRO C 8 12.14 -40.57 -7.71
CA PRO C 8 12.76 -39.59 -8.61
C PRO C 8 12.48 -38.17 -8.16
N GLY C 9 13.48 -37.31 -8.30
CA GLY C 9 13.37 -35.93 -7.86
C GLY C 9 13.74 -35.71 -6.41
N SER C 10 14.56 -36.58 -5.82
CA SER C 10 14.97 -36.44 -4.43
C SER C 10 16.13 -35.45 -4.32
N GLY C 11 16.06 -34.56 -3.34
CA GLY C 11 17.07 -33.56 -3.15
C GLY C 11 16.89 -32.30 -3.97
N GLN C 12 15.77 -32.16 -4.67
CA GLN C 12 15.54 -30.98 -5.48
C GLN C 12 14.99 -29.85 -4.63
N PHE C 13 15.27 -28.61 -5.06
CA PHE C 13 14.79 -27.41 -4.39
C PHE C 13 13.65 -26.83 -5.22
N LEU C 14 12.42 -27.01 -4.76
CA LEU C 14 11.24 -26.48 -5.41
C LEU C 14 10.85 -25.17 -4.74
N THR C 15 10.68 -24.13 -5.55
CA THR C 15 10.41 -22.79 -5.03
C THR C 15 9.01 -22.64 -4.43
N THR C 16 8.18 -23.68 -4.48
CA THR C 16 6.82 -23.62 -3.94
C THR C 16 6.52 -24.68 -2.90
N ASP C 17 7.46 -25.58 -2.61
CA ASP C 17 7.21 -26.63 -1.64
C ASP C 17 7.24 -26.08 -0.23
N ASP C 18 6.22 -26.40 0.56
CA ASP C 18 6.09 -25.93 1.94
C ASP C 18 6.21 -27.13 2.87
N ARG C 19 7.43 -27.36 3.37
CA ARG C 19 7.73 -28.47 4.26
C ARG C 19 8.30 -27.96 5.58
N GLN C 20 8.52 -28.90 6.50
CA GLN C 20 9.09 -28.58 7.79
C GLN C 20 10.58 -28.25 7.64
N SER C 21 11.17 -27.70 8.71
CA SER C 21 12.58 -27.33 8.68
C SER C 21 13.12 -27.28 10.11
N PRO C 22 14.30 -27.84 10.36
CA PRO C 22 14.93 -27.66 11.68
C PRO C 22 15.48 -26.25 11.84
N SER C 23 15.35 -25.72 13.06
CA SER C 23 15.71 -24.33 13.31
C SER C 23 17.07 -24.24 13.99
N ALA C 24 17.85 -23.22 13.60
CA ALA C 24 19.16 -22.99 14.17
C ALA C 24 19.13 -22.11 15.42
N LEU C 25 17.95 -21.68 15.85
CA LEU C 25 17.78 -20.85 17.04
C LEU C 25 16.89 -21.61 18.02
N PRO C 26 17.44 -22.56 18.77
CA PRO C 26 16.63 -23.33 19.70
C PRO C 26 16.25 -22.52 20.93
N ASN C 27 15.06 -22.81 21.45
CA ASN C 27 14.49 -22.23 22.65
C ASN C 27 14.16 -20.75 22.47
N TYR C 28 14.29 -20.20 21.26
CA TYR C 28 13.92 -18.82 21.03
C TYR C 28 12.41 -18.66 21.16
N GLU C 29 11.98 -17.46 21.57
CA GLU C 29 10.57 -17.17 21.76
C GLU C 29 10.18 -15.97 20.92
N PRO C 30 9.30 -16.11 19.93
CA PRO C 30 8.89 -14.93 19.17
C PRO C 30 8.12 -13.94 20.04
N THR C 31 8.34 -12.67 19.75
CA THR C 31 7.73 -11.60 20.54
C THR C 31 6.24 -11.87 20.73
N PRO C 32 5.69 -11.61 21.91
CA PRO C 32 4.23 -11.68 22.06
C PRO C 32 3.55 -10.67 21.16
N ARG C 33 2.50 -11.13 20.48
CA ARG C 33 1.82 -10.31 19.49
C ARG C 33 0.94 -9.25 20.16
N ILE C 34 0.82 -8.10 19.50
CA ILE C 34 -0.02 -7.01 19.97
C ILE C 34 -1.07 -6.73 18.91
N HIS C 35 -2.06 -5.91 19.29
CA HIS C 35 -3.15 -5.56 18.39
C HIS C 35 -2.70 -4.43 17.46
N ILE C 36 -2.78 -4.68 16.15
CA ILE C 36 -2.43 -3.69 15.14
C ILE C 36 -3.64 -3.55 14.22
N PRO C 37 -4.18 -2.35 14.00
CA PRO C 37 -5.38 -2.22 13.17
C PRO C 37 -5.08 -2.46 11.70
N GLY C 38 -6.12 -2.82 10.96
CA GLY C 38 -6.00 -3.01 9.53
C GLY C 38 -5.29 -4.29 9.13
N LYS C 39 -5.59 -5.40 9.79
CA LYS C 39 -4.93 -6.67 9.48
C LYS C 39 -5.49 -7.23 8.18
N VAL C 40 -4.59 -7.65 7.29
CA VAL C 40 -4.95 -8.19 5.98
C VAL C 40 -4.73 -9.70 6.02
N HIS C 41 -5.81 -10.46 5.81
CA HIS C 41 -5.74 -11.91 5.76
C HIS C 41 -5.72 -12.43 4.32
N ASN C 42 -6.44 -11.76 3.42
CA ASN C 42 -6.52 -12.17 2.03
C ASN C 42 -6.55 -10.93 1.16
N LEU C 43 -5.94 -11.04 -0.03
CA LEU C 43 -5.92 -9.93 -0.97
C LEU C 43 -7.31 -9.59 -1.50
N LEU C 44 -8.24 -10.55 -1.47
CA LEU C 44 -9.60 -10.27 -1.89
C LEU C 44 -10.31 -9.28 -0.98
N GLU C 45 -9.75 -8.99 0.19
CA GLU C 45 -10.34 -8.00 1.08
C GLU C 45 -9.91 -6.60 0.70
N ILE C 46 -8.63 -6.42 0.35
CA ILE C 46 -8.13 -5.10 -0.01
C ILE C 46 -8.40 -4.75 -1.46
N ILE C 47 -8.55 -5.74 -2.33
CA ILE C 47 -8.78 -5.48 -3.75
C ILE C 47 -10.15 -4.88 -4.01
N GLN C 48 -11.07 -4.97 -3.05
CA GLN C 48 -12.42 -4.43 -3.22
C GLN C 48 -12.52 -2.95 -2.91
N VAL C 49 -11.40 -2.27 -2.67
CA VAL C 49 -11.40 -0.85 -2.33
C VAL C 49 -11.33 -0.03 -3.61
N ASP C 50 -12.08 1.06 -3.65
CA ASP C 50 -12.12 1.91 -4.83
C ASP C 50 -10.79 2.65 -4.99
N THR C 51 -10.31 2.73 -6.23
CA THR C 51 -9.10 3.46 -6.56
C THR C 51 -9.30 4.22 -7.86
N LEU C 52 -8.73 5.42 -7.92
CA LEU C 52 -8.92 6.28 -9.08
C LEU C 52 -8.28 5.64 -10.31
N ILE C 53 -9.00 5.71 -11.43
CA ILE C 53 -8.53 5.16 -12.70
C ILE C 53 -7.92 6.30 -13.52
N PRO C 54 -6.73 6.14 -14.08
CA PRO C 54 -6.22 7.18 -15.00
C PRO C 54 -6.92 7.11 -16.36
N MET C 55 -8.21 7.43 -16.36
CA MET C 55 -9.01 7.29 -17.57
C MET C 55 -8.56 8.27 -18.65
N ASN C 56 -8.19 9.49 -18.25
CA ASN C 56 -7.70 10.48 -19.20
C ASN C 56 -6.24 10.20 -19.52
N ASN C 57 -5.98 9.02 -20.08
CA ASN C 57 -4.62 8.55 -20.34
C ASN C 57 -4.16 8.99 -21.73
N THR C 58 -4.16 10.31 -21.94
CA THR C 58 -3.79 10.90 -23.21
C THR C 58 -2.77 12.03 -23.05
N HIS C 59 -2.02 12.03 -21.95
CA HIS C 59 -1.01 13.05 -21.69
C HIS C 59 0.37 12.56 -22.09
N THR C 60 1.25 13.52 -22.38
CA THR C 60 2.63 13.17 -22.73
C THR C 60 3.34 12.53 -21.55
N LYS C 61 3.22 13.12 -20.36
CA LYS C 61 3.79 12.57 -19.14
C LYS C 61 2.68 12.33 -18.12
N ASP C 62 3.02 11.59 -17.07
CA ASP C 62 2.04 11.30 -16.03
C ASP C 62 1.71 12.58 -15.26
N GLU C 63 0.41 12.86 -15.13
CA GLU C 63 -0.06 14.05 -14.45
C GLU C 63 -1.33 13.72 -13.68
N VAL C 64 -1.68 14.61 -12.73
CA VAL C 64 -2.91 14.42 -11.97
C VAL C 64 -4.12 14.50 -12.88
N ASN C 65 -4.01 15.20 -14.01
CA ASN C 65 -5.14 15.29 -14.93
C ASN C 65 -5.45 13.95 -15.59
N SER C 66 -4.55 12.98 -15.50
CA SER C 66 -4.80 11.67 -16.09
C SER C 66 -6.01 10.99 -15.47
N TYR C 67 -6.32 11.27 -14.20
CA TYR C 67 -7.48 10.71 -13.54
C TYR C 67 -8.73 11.56 -13.69
N LEU C 68 -8.63 12.68 -14.41
CA LEU C 68 -9.75 13.62 -14.58
C LEU C 68 -10.33 13.44 -15.97
N ILE C 69 -11.57 12.94 -16.03
CA ILE C 69 -12.27 12.74 -17.30
C ILE C 69 -12.90 14.07 -17.71
N PRO C 70 -12.39 14.75 -18.74
CA PRO C 70 -12.93 16.07 -19.09
C PRO C 70 -14.36 15.96 -19.63
N LEU C 71 -15.21 16.88 -19.18
CA LEU C 71 -16.59 16.99 -19.67
C LEU C 71 -16.77 18.37 -20.30
N ASN C 72 -17.58 18.42 -21.36
CA ASN C 72 -17.88 19.65 -22.07
C ASN C 72 -19.37 19.91 -22.02
N ALA C 73 -19.74 21.17 -21.78
CA ALA C 73 -21.13 21.55 -21.65
C ALA C 73 -21.78 21.69 -23.02
N ASN C 74 -23.10 21.50 -23.06
CA ASN C 74 -23.89 21.64 -24.30
C ASN C 74 -23.51 20.60 -25.34
N ARG C 75 -23.21 19.37 -24.91
CA ARG C 75 -22.85 18.28 -25.79
C ARG C 75 -23.94 17.22 -25.75
N GLN C 76 -24.58 16.99 -26.90
CA GLN C 76 -25.65 16.02 -27.01
C GLN C 76 -25.17 14.80 -27.81
N ASN C 77 -25.60 13.63 -27.36
CA ASN C 77 -25.27 12.35 -28.01
C ASN C 77 -23.79 12.31 -28.43
N GLU C 78 -22.92 12.46 -27.43
CA GLU C 78 -21.49 12.40 -27.64
C GLU C 78 -20.87 11.49 -26.58
N GLN C 79 -19.72 10.90 -26.93
CA GLN C 79 -19.03 10.00 -26.02
C GLN C 79 -18.22 10.78 -25.00
N VAL C 80 -18.17 10.26 -23.78
CA VAL C 80 -17.39 10.86 -22.71
C VAL C 80 -16.00 10.23 -22.69
N PHE C 81 -15.95 8.91 -22.56
CA PHE C 81 -14.70 8.18 -22.60
C PHE C 81 -14.96 6.77 -23.08
N GLY C 82 -13.88 6.09 -23.46
CA GLY C 82 -13.97 4.72 -23.92
C GLY C 82 -12.73 3.92 -23.58
N THR C 83 -12.89 2.69 -23.12
CA THR C 83 -11.76 1.88 -22.70
C THR C 83 -12.16 0.41 -22.73
N ASN C 84 -11.18 -0.43 -23.04
CA ASN C 84 -11.36 -1.87 -22.94
C ASN C 84 -11.38 -2.29 -21.47
N LEU C 85 -11.69 -3.56 -21.25
CA LEU C 85 -11.80 -4.12 -19.90
C LEU C 85 -10.70 -5.14 -19.64
N PHE C 86 -9.52 -4.90 -20.20
CA PHE C 86 -8.35 -5.72 -19.89
C PHE C 86 -7.73 -5.18 -18.60
N ILE C 87 -8.23 -5.65 -17.46
CA ILE C 87 -7.79 -5.14 -16.16
C ILE C 87 -6.31 -5.31 -15.92
N GLY C 88 -5.63 -6.13 -16.71
CA GLY C 88 -4.19 -6.33 -16.54
C GLY C 88 -3.37 -5.52 -17.53
N ASP C 89 -3.97 -4.50 -18.12
CA ASP C 89 -3.26 -3.66 -19.09
C ASP C 89 -4.09 -2.40 -19.31
N GLY C 90 -3.44 -1.40 -19.90
CA GLY C 90 -4.15 -0.17 -20.24
C GLY C 90 -4.31 0.72 -19.04
N VAL C 91 -5.48 1.36 -18.93
CA VAL C 91 -5.73 2.30 -17.83
C VAL C 91 -5.77 1.60 -16.49
N PHE C 92 -6.18 0.34 -16.44
CA PHE C 92 -6.28 -0.38 -15.19
C PHE C 92 -4.95 -1.00 -14.75
N LYS C 93 -3.94 -1.00 -15.60
CA LYS C 93 -2.67 -1.65 -15.27
C LYS C 93 -2.07 -1.05 -14.01
N THR C 94 -2.27 0.25 -13.78
CA THR C 94 -1.66 0.95 -12.66
C THR C 94 -2.54 0.99 -11.42
N THR C 95 -3.82 0.66 -11.54
CA THR C 95 -4.71 0.70 -10.38
C THR C 95 -4.39 -0.43 -9.41
N LEU C 96 -4.85 -0.25 -8.17
CA LEU C 96 -4.64 -1.29 -7.16
C LEU C 96 -5.21 -2.63 -7.61
N LEU C 97 -6.43 -2.63 -8.15
CA LEU C 97 -7.03 -3.86 -8.63
C LEU C 97 -6.17 -4.47 -9.72
N GLY C 98 -5.74 -3.66 -10.69
CA GLY C 98 -4.89 -4.18 -11.76
C GLY C 98 -3.55 -4.67 -11.25
N GLU C 99 -2.96 -3.95 -10.29
CA GLU C 99 -1.68 -4.37 -9.74
C GLU C 99 -1.81 -5.72 -9.02
N ILE C 100 -2.92 -5.93 -8.31
CA ILE C 100 -3.12 -7.20 -7.63
C ILE C 100 -3.43 -8.31 -8.62
N VAL C 101 -4.12 -7.96 -9.72
CA VAL C 101 -4.49 -8.98 -10.71
C VAL C 101 -3.27 -9.42 -11.51
N GLN C 102 -2.35 -8.50 -11.80
CA GLN C 102 -1.15 -8.84 -12.54
C GLN C 102 -0.30 -9.89 -11.84
N TYR C 103 -0.44 -10.05 -10.53
CA TYR C 103 0.25 -11.12 -9.81
C TYR C 103 -0.41 -12.48 -10.02
N TYR C 104 -1.47 -12.56 -10.82
CA TYR C 104 -2.16 -13.81 -11.09
C TYR C 104 -2.43 -13.92 -12.58
N THR C 105 -2.59 -15.15 -13.05
CA THR C 105 -2.81 -15.44 -14.46
C THR C 105 -4.27 -15.55 -14.83
N HIS C 106 -5.12 -16.00 -13.92
CA HIS C 106 -6.55 -16.16 -14.16
C HIS C 106 -7.34 -15.27 -13.21
N TRP C 107 -8.43 -14.70 -13.71
CA TRP C 107 -9.30 -13.85 -12.91
C TRP C 107 -10.74 -14.07 -13.33
N SER C 108 -11.65 -13.91 -12.38
CA SER C 108 -13.08 -14.06 -12.64
C SER C 108 -13.85 -13.18 -11.68
N GLY C 109 -15.15 -13.08 -11.92
CA GLY C 109 -16.04 -12.27 -11.10
C GLY C 109 -16.47 -11.01 -11.82
N SER C 110 -17.23 -10.20 -11.09
CA SER C 110 -17.77 -8.94 -11.59
C SER C 110 -16.95 -7.78 -11.06
N LEU C 111 -16.79 -6.75 -11.89
CA LEU C 111 -16.07 -5.54 -11.53
C LEU C 111 -17.05 -4.43 -11.17
N ARG C 112 -16.60 -3.53 -10.30
CA ARG C 112 -17.40 -2.39 -9.85
C ARG C 112 -16.76 -1.12 -10.38
N PHE C 113 -17.45 -0.45 -11.29
CA PHE C 113 -16.99 0.80 -11.90
C PHE C 113 -17.89 1.93 -11.44
N SER C 114 -17.28 3.00 -10.90
CA SER C 114 -18.00 4.12 -10.34
C SER C 114 -17.43 5.42 -10.87
N LEU C 115 -18.32 6.40 -11.09
CA LEU C 115 -17.94 7.74 -11.52
C LEU C 115 -18.51 8.75 -10.52
N MET C 116 -17.70 9.74 -10.16
CA MET C 116 -18.11 10.79 -9.22
C MET C 116 -18.03 12.14 -9.91
N TYR C 117 -19.12 12.91 -9.82
CA TYR C 117 -19.18 14.24 -10.41
C TYR C 117 -18.60 15.27 -9.45
N THR C 118 -17.76 16.15 -9.99
CA THR C 118 -17.08 17.17 -9.20
C THR C 118 -17.36 18.59 -9.66
N GLY C 119 -18.31 18.77 -10.59
CA GLY C 119 -18.64 20.09 -11.08
C GLY C 119 -19.44 20.88 -10.06
N PRO C 120 -19.88 22.07 -10.46
CA PRO C 120 -20.70 22.89 -9.56
C PRO C 120 -21.94 22.16 -9.09
N ALA C 121 -22.42 22.54 -7.91
CA ALA C 121 -23.61 21.91 -7.37
C ALA C 121 -24.87 22.31 -8.13
N LEU C 122 -24.89 23.52 -8.69
CA LEU C 122 -26.03 24.01 -9.46
C LEU C 122 -26.03 23.52 -10.90
N SER C 123 -25.16 22.56 -11.24
CA SER C 123 -25.09 22.00 -12.58
C SER C 123 -25.94 20.73 -12.66
N SER C 124 -26.46 20.47 -13.86
CA SER C 124 -27.28 19.30 -14.11
C SER C 124 -26.78 18.60 -15.36
N ALA C 125 -26.75 17.27 -15.31
CA ALA C 125 -26.27 16.48 -16.43
C ALA C 125 -26.67 15.02 -16.22
N LYS C 126 -26.97 14.35 -17.33
CA LYS C 126 -27.36 12.95 -17.33
C LYS C 126 -26.39 12.18 -18.20
N LEU C 127 -25.76 11.15 -17.63
CA LEU C 127 -24.80 10.32 -18.34
C LEU C 127 -25.27 8.87 -18.31
N ILE C 128 -24.85 8.11 -19.32
CA ILE C 128 -25.23 6.71 -19.48
C ILE C 128 -23.94 5.90 -19.59
N LEU C 129 -23.64 5.11 -18.56
CA LEU C 129 -22.51 4.20 -18.58
C LEU C 129 -22.95 2.88 -19.20
N ALA C 130 -22.29 2.47 -20.27
CA ALA C 130 -22.66 1.29 -21.04
C ALA C 130 -21.53 0.28 -21.05
N TYR C 131 -21.84 -0.96 -20.68
CA TYR C 131 -20.88 -2.05 -20.72
C TYR C 131 -21.18 -2.94 -21.93
N THR C 132 -20.17 -3.15 -22.78
CA THR C 132 -20.33 -3.95 -23.98
C THR C 132 -19.67 -5.30 -23.77
N PRO C 133 -20.42 -6.39 -23.59
CA PRO C 133 -19.79 -7.70 -23.42
C PRO C 133 -18.91 -8.05 -24.60
N PRO C 134 -18.05 -9.05 -24.46
CA PRO C 134 -17.16 -9.42 -25.58
C PRO C 134 -17.95 -9.96 -26.76
N GLY C 135 -17.27 -9.99 -27.91
CA GLY C 135 -17.84 -10.46 -29.16
C GLY C 135 -18.23 -9.36 -30.11
N ALA C 136 -18.57 -8.18 -29.60
CA ALA C 136 -18.95 -7.04 -30.42
C ALA C 136 -17.93 -5.92 -30.27
N ARG C 137 -17.78 -5.14 -31.35
CA ARG C 137 -16.84 -4.04 -31.34
C ARG C 137 -17.24 -3.00 -30.29
N GLY C 138 -16.34 -2.05 -30.05
CA GLY C 138 -16.62 -0.96 -29.16
C GLY C 138 -17.70 -0.06 -29.73
N PRO C 139 -18.63 0.39 -28.87
CA PRO C 139 -19.74 1.20 -29.37
C PRO C 139 -19.25 2.54 -29.93
N GLN C 140 -19.64 2.82 -31.17
CA GLN C 140 -19.28 4.07 -31.83
C GLN C 140 -20.36 5.14 -31.70
N ASP C 141 -21.53 4.79 -31.19
CA ASP C 141 -22.62 5.74 -30.99
C ASP C 141 -23.38 5.36 -29.73
N ARG C 142 -24.27 6.28 -29.30
CA ARG C 142 -25.02 6.02 -28.08
C ARG C 142 -26.10 4.97 -28.30
N ARG C 143 -26.72 4.96 -29.48
CA ARG C 143 -27.75 3.97 -29.75
C ARG C 143 -27.19 2.55 -29.78
N GLU C 144 -25.93 2.40 -30.18
CA GLU C 144 -25.30 1.08 -30.17
C GLU C 144 -24.84 0.70 -28.77
N ALA C 145 -24.44 1.69 -27.96
CA ALA C 145 -23.99 1.40 -26.60
C ALA C 145 -25.16 1.02 -25.70
N MET C 146 -26.30 1.69 -25.87
CA MET C 146 -27.44 1.47 -24.98
C MET C 146 -28.10 0.11 -25.20
N LEU C 147 -27.72 -0.63 -26.23
CA LEU C 147 -28.32 -1.95 -26.46
C LEU C 147 -27.86 -2.97 -25.44
N GLY C 148 -26.63 -2.86 -24.94
CA GLY C 148 -26.11 -3.77 -23.94
C GLY C 148 -26.39 -3.29 -22.54
N THR C 149 -25.70 -3.91 -21.59
CA THR C 149 -25.84 -3.53 -20.19
C THR C 149 -25.43 -2.08 -19.99
N HIS C 150 -26.37 -1.26 -19.52
CA HIS C 150 -26.11 0.17 -19.33
C HIS C 150 -26.87 0.65 -18.10
N VAL C 151 -26.38 1.73 -17.52
CA VAL C 151 -26.99 2.34 -16.34
C VAL C 151 -27.07 3.84 -16.57
N VAL C 152 -28.28 4.37 -16.56
CA VAL C 152 -28.50 5.80 -16.75
C VAL C 152 -28.20 6.51 -15.43
N TRP C 153 -27.26 7.45 -15.46
CA TRP C 153 -26.79 8.16 -14.28
C TRP C 153 -27.42 9.54 -14.27
N ASP C 154 -28.24 9.83 -13.25
CA ASP C 154 -28.81 11.15 -13.03
C ASP C 154 -27.98 11.86 -11.97
N ILE C 155 -27.26 12.89 -12.37
CA ILE C 155 -26.37 13.62 -11.47
C ILE C 155 -27.20 14.58 -10.63
N GLY C 156 -27.18 14.38 -9.31
CA GLY C 156 -27.92 15.23 -8.40
C GLY C 156 -27.28 15.27 -7.03
N LEU C 157 -28.09 15.17 -5.98
CA LEU C 157 -27.53 15.10 -4.62
C LEU C 157 -26.54 13.95 -4.52
N GLN C 158 -26.86 12.80 -5.11
CA GLN C 158 -25.92 11.69 -5.17
C GLN C 158 -24.87 11.99 -6.24
N SER C 159 -23.64 12.23 -5.79
CA SER C 159 -22.57 12.62 -6.72
C SER C 159 -21.86 11.44 -7.35
N THR C 160 -22.05 10.23 -6.81
CA THR C 160 -21.35 9.05 -7.29
C THR C 160 -22.34 8.01 -7.79
N ILE C 161 -22.00 7.37 -8.91
CA ILE C 161 -22.75 6.26 -9.46
C ILE C 161 -21.90 5.00 -9.32
N VAL C 162 -22.56 3.86 -9.14
CA VAL C 162 -21.88 2.58 -8.96
C VAL C 162 -22.50 1.60 -9.96
N MET C 163 -21.84 1.41 -11.10
CA MET C 163 -22.27 0.45 -12.10
C MET C 163 -21.39 -0.79 -12.00
N THR C 164 -22.00 -1.92 -11.61
CA THR C 164 -21.27 -3.17 -11.48
C THR C 164 -21.20 -3.87 -12.83
N ILE C 165 -19.99 -4.08 -13.34
CA ILE C 165 -19.80 -4.77 -14.62
C ILE C 165 -20.10 -6.25 -14.41
N PRO C 166 -21.20 -6.77 -14.96
CA PRO C 166 -21.55 -8.16 -14.68
C PRO C 166 -20.63 -9.14 -15.38
N TRP C 167 -20.42 -10.28 -14.72
CA TRP C 167 -19.60 -11.35 -15.30
C TRP C 167 -20.38 -12.03 -16.40
N THR C 168 -20.02 -11.74 -17.67
CA THR C 168 -20.68 -12.30 -18.84
C THR C 168 -19.61 -12.97 -19.69
N SER C 169 -19.37 -14.24 -19.43
CA SER C 169 -18.34 -15.00 -20.15
C SER C 169 -18.76 -16.46 -20.23
N GLY C 170 -18.31 -17.13 -21.30
CA GLY C 170 -18.55 -18.55 -21.45
C GLY C 170 -17.61 -19.36 -20.58
N VAL C 171 -16.31 -19.10 -20.69
CA VAL C 171 -15.33 -19.78 -19.84
C VAL C 171 -15.45 -19.26 -18.42
N GLN C 172 -15.10 -20.12 -17.46
CA GLN C 172 -15.24 -19.76 -16.05
C GLN C 172 -14.24 -18.69 -15.62
N PHE C 173 -13.08 -18.62 -16.26
CA PHE C 173 -12.04 -17.67 -15.90
C PHE C 173 -11.43 -17.05 -17.15
N ARG C 174 -11.09 -15.76 -17.05
CA ARG C 174 -10.41 -15.04 -18.11
C ARG C 174 -8.94 -14.86 -17.73
N TYR C 175 -8.12 -14.66 -18.76
CA TYR C 175 -6.69 -14.41 -18.55
C TYR C 175 -6.46 -12.96 -18.18
N THR C 176 -5.53 -12.73 -17.24
CA THR C 176 -5.22 -11.38 -16.82
C THR C 176 -4.45 -10.63 -17.89
N ASP C 177 -3.58 -11.32 -18.61
CA ASP C 177 -2.83 -10.69 -19.70
C ASP C 177 -3.76 -10.48 -20.89
N PRO C 178 -3.65 -9.36 -21.62
CA PRO C 178 -4.53 -9.15 -22.77
C PRO C 178 -4.55 -10.32 -23.73
N ASP C 179 -5.71 -10.95 -23.88
CA ASP C 179 -5.89 -12.08 -24.78
C ASP C 179 -7.20 -11.94 -25.52
N THR C 180 -7.21 -12.37 -26.79
CA THR C 180 -8.40 -12.22 -27.62
C THR C 180 -9.51 -13.16 -27.17
N TYR C 181 -9.18 -14.41 -26.90
CA TYR C 181 -10.20 -15.39 -26.56
C TYR C 181 -10.89 -15.03 -25.24
N THR C 182 -10.13 -14.51 -24.28
CA THR C 182 -10.67 -14.17 -22.96
C THR C 182 -10.86 -12.66 -22.80
N SER C 183 -11.28 -11.98 -23.85
CA SER C 183 -11.54 -10.55 -23.77
C SER C 183 -12.75 -10.29 -22.88
N ALA C 184 -12.66 -9.23 -22.06
CA ALA C 184 -13.74 -8.90 -21.14
C ALA C 184 -14.78 -7.97 -21.74
N GLY C 185 -14.48 -7.35 -22.88
CA GLY C 185 -15.43 -6.46 -23.53
C GLY C 185 -14.94 -5.03 -23.58
N PHE C 186 -15.87 -4.07 -23.55
CA PHE C 186 -15.54 -2.66 -23.62
C PHE C 186 -16.44 -1.89 -22.66
N LEU C 187 -15.92 -0.75 -22.18
CA LEU C 187 -16.66 0.14 -21.29
C LEU C 187 -16.61 1.55 -21.87
N SER C 188 -17.77 2.20 -21.91
CA SER C 188 -17.87 3.54 -22.46
C SER C 188 -18.96 4.32 -21.72
N CYS C 189 -18.90 5.65 -21.86
CA CYS C 189 -19.87 6.54 -21.27
C CYS C 189 -20.26 7.59 -22.30
N TRP C 190 -21.55 7.96 -22.28
CA TRP C 190 -22.09 8.89 -23.26
C TRP C 190 -22.96 9.93 -22.55
N TYR C 191 -23.11 11.08 -23.20
CA TYR C 191 -23.99 12.13 -22.69
C TYR C 191 -25.44 11.73 -22.98
N GLN C 192 -26.24 11.57 -21.92
CA GLN C 192 -27.63 11.18 -22.10
C GLN C 192 -28.44 12.31 -22.74
N THR C 193 -28.51 13.47 -22.08
CA THR C 193 -29.22 14.61 -22.63
C THR C 193 -28.26 15.75 -22.95
N SER C 194 -27.47 16.18 -21.97
CA SER C 194 -26.49 17.26 -22.13
C SER C 194 -25.90 17.56 -20.77
N LEU C 195 -24.83 18.35 -20.78
CA LEU C 195 -24.24 18.87 -19.55
C LEU C 195 -24.57 20.36 -19.45
N ILE C 196 -25.31 20.73 -18.41
CA ILE C 196 -25.77 22.11 -18.22
C ILE C 196 -25.05 22.69 -17.01
N LEU C 197 -24.29 23.78 -17.24
CA LEU C 197 -23.59 24.47 -16.18
C LEU C 197 -24.37 25.72 -15.77
N PRO C 198 -24.25 26.14 -14.51
CA PRO C 198 -24.99 27.33 -14.05
C PRO C 198 -24.34 28.60 -14.58
N PRO C 199 -25.02 29.74 -14.45
CA PRO C 199 -24.41 31.00 -14.90
C PRO C 199 -23.12 31.30 -14.15
N GLU C 200 -22.27 32.13 -14.77
CA GLU C 200 -21.01 32.58 -14.21
C GLU C 200 -19.98 31.45 -14.08
N THR C 201 -20.20 30.33 -14.75
CA THR C 201 -19.28 29.20 -14.73
C THR C 201 -18.88 28.83 -16.14
N THR C 202 -17.59 28.62 -16.34
CA THR C 202 -17.03 28.25 -17.64
C THR C 202 -16.02 27.14 -17.45
N GLY C 203 -15.41 26.72 -18.56
CA GLY C 203 -14.42 25.67 -18.51
C GLY C 203 -15.06 24.29 -18.53
N GLN C 204 -14.21 23.29 -18.28
CA GLN C 204 -14.65 21.90 -18.27
C GLN C 204 -14.73 21.36 -16.84
N VAL C 205 -15.70 20.50 -16.61
CA VAL C 205 -15.82 19.79 -15.34
C VAL C 205 -15.29 18.37 -15.53
N TYR C 206 -14.84 17.77 -14.44
CA TYR C 206 -14.13 16.49 -14.50
C TYR C 206 -14.83 15.45 -13.64
N LEU C 207 -14.76 14.20 -14.08
CA LEU C 207 -15.28 13.06 -13.33
C LEU C 207 -14.12 12.23 -12.79
N LEU C 208 -14.31 11.69 -11.60
CA LEU C 208 -13.36 10.77 -10.99
C LEU C 208 -13.89 9.35 -11.12
N SER C 209 -13.13 8.50 -11.80
CA SER C 209 -13.53 7.12 -12.09
C SER C 209 -12.84 6.19 -11.10
N PHE C 210 -13.61 5.27 -10.54
CA PHE C 210 -13.13 4.32 -9.54
C PHE C 210 -13.32 2.89 -10.05
N ILE C 211 -12.42 2.00 -9.63
CA ILE C 211 -12.49 0.59 -9.97
C ILE C 211 -12.30 -0.22 -8.70
N SER C 212 -13.16 -1.22 -8.51
CA SER C 212 -13.05 -2.11 -7.36
C SER C 212 -13.67 -3.46 -7.73
N ALA C 213 -13.24 -4.49 -7.01
CA ALA C 213 -13.69 -5.85 -7.27
C ALA C 213 -14.89 -6.19 -6.40
N CYS C 214 -15.76 -7.05 -6.92
CA CYS C 214 -16.93 -7.51 -6.20
C CYS C 214 -16.54 -8.67 -5.28
N PRO C 215 -17.36 -8.95 -4.26
CA PRO C 215 -17.05 -10.09 -3.38
C PRO C 215 -17.00 -11.43 -4.08
N ASP C 216 -17.45 -11.51 -5.34
CA ASP C 216 -17.39 -12.73 -6.12
C ASP C 216 -16.15 -12.79 -7.01
N PHE C 217 -15.16 -11.94 -6.75
CA PHE C 217 -13.96 -11.92 -7.56
C PHE C 217 -13.05 -13.09 -7.19
N LYS C 218 -12.31 -13.59 -8.18
CA LYS C 218 -11.46 -14.76 -8.03
C LYS C 218 -10.11 -14.51 -8.66
N LEU C 219 -9.08 -15.11 -8.08
CA LEU C 219 -7.72 -15.03 -8.60
C LEU C 219 -6.98 -16.31 -8.25
N ARG C 220 -6.13 -16.78 -9.18
CA ARG C 220 -5.39 -18.01 -8.96
C ARG C 220 -4.20 -18.04 -9.91
N LEU C 221 -3.37 -19.06 -9.74
CA LEU C 221 -2.20 -19.26 -10.61
C LEU C 221 -1.30 -18.03 -10.57
N MET C 222 -0.70 -17.76 -9.41
CA MET C 222 0.19 -16.63 -9.25
C MET C 222 1.26 -16.64 -10.34
N LYS C 223 1.74 -15.44 -10.68
CA LYS C 223 2.81 -15.29 -11.66
C LYS C 223 3.61 -14.04 -11.33
N ASP C 224 4.79 -13.95 -11.92
CA ASP C 224 5.64 -12.79 -11.72
C ASP C 224 5.11 -11.60 -12.52
N THR C 225 5.11 -10.43 -11.89
CA THR C 225 4.60 -9.22 -12.53
C THR C 225 5.67 -8.59 -13.42
N GLN C 226 5.20 -7.77 -14.36
CA GLN C 226 6.07 -7.05 -15.28
C GLN C 226 6.04 -5.55 -15.03
N THR C 227 5.58 -5.11 -13.86
CA THR C 227 5.50 -3.71 -13.52
C THR C 227 6.70 -3.21 -12.74
N ILE C 228 7.62 -4.09 -12.35
CA ILE C 228 8.81 -3.71 -11.61
C ILE C 228 10.01 -4.43 -12.23
N SER C 229 11.17 -3.80 -12.14
CA SER C 229 12.37 -4.31 -12.81
C SER C 229 13.59 -4.07 -11.93
N GLN C 230 14.68 -4.72 -12.31
CA GLN C 230 15.95 -4.60 -11.59
C GLN C 230 17.05 -5.23 -12.43
N THR C 231 18.19 -4.55 -12.49
CA THR C 231 19.35 -5.04 -13.20
C THR C 231 20.65 -4.96 -12.39
N VAL C 232 20.59 -4.47 -11.16
CA VAL C 232 21.77 -4.38 -10.30
C VAL C 232 21.34 -4.65 -8.86
N ALA C 233 21.92 -5.68 -8.25
CA ALA C 233 21.61 -6.01 -6.87
C ALA C 233 21.84 -4.81 -5.97
N LEU C 234 20.95 -4.63 -4.99
CA LEU C 234 20.89 -3.38 -4.26
C LEU C 234 21.89 -3.35 -3.09
N THR C 235 22.50 -2.19 -2.92
CA THR C 235 23.36 -1.89 -1.79
C THR C 235 22.80 -0.69 -1.04
N GLU C 236 23.30 -0.48 0.17
CA GLU C 236 22.79 0.58 1.02
C GLU C 236 22.79 1.93 0.31
N ILE D 29 2.12 -34.65 11.40
CA ILE D 29 3.03 -34.93 12.49
C ILE D 29 4.31 -34.12 12.32
N ASN D 30 4.77 -33.50 13.41
CA ASN D 30 5.98 -32.70 13.42
C ASN D 30 7.15 -33.56 13.88
N TYR D 31 8.34 -33.25 13.37
CA TYR D 31 9.56 -33.96 13.73
C TYR D 31 10.47 -33.13 14.63
N TYR D 32 10.06 -31.92 14.99
CA TYR D 32 10.89 -31.02 15.77
C TYR D 32 10.03 -30.37 16.85
N LYS D 33 10.70 -29.84 17.89
CA LYS D 33 9.98 -29.35 19.06
C LYS D 33 9.60 -27.87 18.95
N ASP D 34 10.48 -27.03 18.41
CA ASP D 34 10.27 -25.60 18.44
C ASP D 34 9.35 -25.16 17.29
N ALA D 35 8.66 -24.04 17.51
CA ALA D 35 7.63 -23.60 16.58
C ALA D 35 8.22 -23.11 15.26
N ALA D 36 9.52 -22.84 15.22
CA ALA D 36 10.14 -22.44 13.96
C ALA D 36 10.09 -23.54 12.91
N SER D 37 9.79 -24.78 13.31
CA SER D 37 9.81 -25.90 12.40
C SER D 37 8.44 -26.23 11.82
N THR D 38 7.36 -25.92 12.53
CA THR D 38 6.03 -26.26 12.06
C THR D 38 5.79 -25.73 10.65
N SER D 39 4.79 -26.29 9.99
CA SER D 39 4.46 -25.88 8.63
C SER D 39 3.52 -24.68 8.65
N SER D 40 3.24 -24.15 7.46
CA SER D 40 2.35 -23.01 7.34
C SER D 40 0.96 -23.36 7.85
N ALA D 41 0.18 -22.32 8.16
CA ALA D 41 -1.16 -22.48 8.67
C ALA D 41 -2.20 -22.74 7.59
N GLY D 42 -1.83 -22.61 6.31
CA GLY D 42 -2.76 -22.87 5.23
C GLY D 42 -3.50 -21.62 4.76
N GLN D 43 -4.75 -21.49 5.18
CA GLN D 43 -5.59 -20.37 4.78
C GLN D 43 -6.38 -19.87 5.99
N SER D 44 -6.46 -18.55 6.14
CA SER D 44 -7.27 -17.94 7.19
C SER D 44 -8.66 -17.68 6.63
N LEU D 45 -9.60 -18.60 6.92
CA LEU D 45 -10.95 -18.48 6.38
C LEU D 45 -11.71 -17.29 6.98
N SER D 46 -11.25 -16.75 8.10
CA SER D 46 -11.92 -15.62 8.75
C SER D 46 -11.63 -14.35 7.95
N MET D 47 -12.57 -13.97 7.10
CA MET D 47 -12.45 -12.77 6.28
C MET D 47 -13.39 -11.68 6.80
N ASP D 48 -12.97 -10.44 6.59
CA ASP D 48 -13.77 -9.28 7.02
C ASP D 48 -13.32 -8.07 6.23
N PRO D 49 -13.75 -7.94 4.97
CA PRO D 49 -13.35 -6.78 4.16
C PRO D 49 -14.02 -5.49 4.57
N SER D 50 -14.90 -5.51 5.57
CA SER D 50 -15.61 -4.29 5.95
C SER D 50 -14.65 -3.24 6.52
N LYS D 51 -13.60 -3.69 7.21
CA LYS D 51 -12.67 -2.73 7.81
C LYS D 51 -11.96 -1.90 6.76
N PHE D 52 -11.83 -2.39 5.53
CA PHE D 52 -11.19 -1.66 4.45
C PHE D 52 -12.18 -1.03 3.49
N THR D 53 -13.34 -1.65 3.27
CA THR D 53 -14.33 -1.14 2.33
C THR D 53 -15.28 -0.15 2.98
N GLU D 54 -15.66 -0.38 4.23
CA GLU D 54 -16.59 0.50 4.94
C GLU D 54 -16.04 0.86 6.31
N PRO D 55 -14.92 1.59 6.37
CA PRO D 55 -14.37 2.07 7.64
C PRO D 55 -15.02 3.37 8.13
N VAL D 56 -16.35 3.40 8.11
CA VAL D 56 -17.12 4.60 8.42
C VAL D 56 -17.68 4.50 9.83
N LYS D 57 -17.86 5.65 10.45
CA LYS D 57 -18.44 5.71 11.80
C LYS D 57 -19.91 5.27 11.77
N ASP D 58 -20.74 5.97 11.01
CA ASP D 58 -22.14 5.63 10.91
C ASP D 58 -22.34 4.50 9.91
N LEU D 59 -23.35 3.66 10.17
CA LEU D 59 -23.61 2.53 9.31
C LEU D 59 -24.28 2.98 8.02
N MET D 60 -23.81 2.45 6.90
CA MET D 60 -24.34 2.77 5.58
C MET D 60 -24.87 1.50 4.94
N LEU D 61 -26.18 1.47 4.69
CA LEU D 61 -26.82 0.31 4.07
C LEU D 61 -26.92 0.52 2.56
N LYS D 62 -26.70 -0.57 1.82
CA LYS D 62 -26.80 -0.51 0.36
C LYS D 62 -28.22 -0.14 -0.05
N GLY D 63 -28.33 0.89 -0.90
CA GLY D 63 -29.63 1.33 -1.38
C GLY D 63 -30.09 2.63 -0.74
N ALA D 64 -29.83 2.77 0.57
CA ALA D 64 -30.24 3.98 1.26
C ALA D 64 -29.32 5.14 0.90
N PRO D 65 -29.82 6.38 0.98
CA PRO D 65 -28.97 7.53 0.66
C PRO D 65 -27.73 7.58 1.53
N ALA D 66 -26.56 7.66 0.89
CA ALA D 66 -25.31 7.77 1.63
C ALA D 66 -25.33 8.98 2.55
N LEU D 67 -25.77 10.12 2.03
CA LEU D 67 -25.89 11.35 2.80
C LEU D 67 -27.33 11.83 2.77
N ASN D 68 -27.82 12.29 3.92
CA ASN D 68 -29.19 12.77 4.04
C ASN D 68 -29.26 13.94 5.01
#